data_6GIW
#
_entry.id   6GIW
#
_cell.length_a   72.720
_cell.length_b   81.710
_cell.length_c   121.960
_cell.angle_alpha   90.00
_cell.angle_beta   90.00
_cell.angle_gamma   90.00
#
_symmetry.space_group_name_H-M   'P 21 21 21'
#
loop_
_entity.id
_entity.type
_entity.pdbx_description
1 polymer 'Water-soluble chlorophyll protein'
2 non-polymer 'CHLOROPHYLL A'
3 water water
#
_entity_poly.entity_id   1
_entity_poly.type   'polypeptide(L)'
_entity_poly.pdbx_seq_one_letter_code
;INDEEPVKDTNGNPLKIETRYFIQPASDNNGGGLVPANVDLSHLCPLGIVRTSLPYQPGLPVTISTPSSSEGNDVLTNTN
IAITFDAPIWPCPSSKTWTVDSSSEEKYIITGGDPKSGESFFRIEKYGNGKNTYKLVRYDNGEGKSVGSTKSLWGPALVL
NDDDDSDENAFPIKFREVDT
;
_entity_poly.pdbx_strand_id   A,B,C,D
#
loop_
_chem_comp.id
_chem_comp.type
_chem_comp.name
_chem_comp.formula
CLA non-polymer 'CHLOROPHYLL A' 'C55 H72 Mg N4 O5'
#
# COMPACT_ATOMS: atom_id res chain seq x y z
N GLU A 5 10.49 -23.16 -35.36
CA GLU A 5 9.26 -23.94 -35.23
C GLU A 5 8.24 -23.28 -34.28
N PRO A 6 6.93 -23.61 -34.42
CA PRO A 6 5.92 -22.91 -33.60
C PRO A 6 6.02 -23.16 -32.10
N VAL A 7 5.83 -22.09 -31.33
CA VAL A 7 5.65 -22.17 -29.88
C VAL A 7 4.25 -22.71 -29.63
N LYS A 8 4.13 -23.71 -28.77
CA LYS A 8 2.85 -24.34 -28.45
C LYS A 8 2.39 -23.96 -27.04
N ASP A 9 1.06 -23.84 -26.85
CA ASP A 9 0.49 -23.63 -25.53
C ASP A 9 0.39 -24.95 -24.75
N THR A 10 -0.19 -24.91 -23.54
CA THR A 10 -0.35 -26.10 -22.69
C THR A 10 -1.25 -27.20 -23.28
N ASN A 11 -2.08 -26.83 -24.26
CA ASN A 11 -2.91 -27.78 -25.01
C ASN A 11 -2.19 -28.29 -26.28
N GLY A 12 -0.93 -27.94 -26.43
CA GLY A 12 -0.15 -28.31 -27.61
C GLY A 12 -0.50 -27.56 -28.89
N ASN A 13 -1.42 -26.59 -28.78
CA ASN A 13 -1.82 -25.74 -29.91
C ASN A 13 -0.79 -24.63 -30.15
N PRO A 14 -0.58 -24.24 -31.43
CA PRO A 14 0.38 -23.16 -31.68
C PRO A 14 -0.08 -21.81 -31.09
N LEU A 15 0.87 -21.08 -30.48
CA LEU A 15 0.66 -19.73 -30.00
C LEU A 15 0.34 -18.79 -31.15
N LYS A 16 -0.66 -17.94 -30.94
CA LYS A 16 -1.00 -16.91 -31.91
C LYS A 16 -0.70 -15.52 -31.32
N ILE A 17 -0.28 -14.59 -32.18
CA ILE A 17 -0.12 -13.18 -31.78
C ILE A 17 -1.49 -12.58 -31.46
N GLU A 18 -1.49 -11.47 -30.71
CA GLU A 18 -2.72 -10.73 -30.33
C GLU A 18 -3.76 -11.64 -29.65
N THR A 19 -3.27 -12.67 -28.95
CA THR A 19 -4.09 -13.62 -28.24
C THR A 19 -3.62 -13.64 -26.79
N ARG A 20 -4.56 -13.76 -25.86
CA ARG A 20 -4.24 -13.69 -24.45
C ARG A 20 -3.74 -15.01 -23.89
N TYR A 21 -2.58 -14.97 -23.24
CA TYR A 21 -2.02 -16.14 -22.57
C TYR A 21 -1.56 -15.81 -21.16
N PHE A 22 -1.78 -16.74 -20.23
CA PHE A 22 -1.10 -16.70 -18.94
C PHE A 22 0.29 -17.30 -19.16
N ILE A 23 1.32 -16.58 -18.76
CA ILE A 23 2.65 -17.17 -18.69
C ILE A 23 2.76 -17.80 -17.32
N GLN A 24 2.73 -19.13 -17.30
CA GLN A 24 2.77 -19.91 -16.07
C GLN A 24 4.13 -20.56 -15.88
N PRO A 25 4.67 -20.49 -14.66
CA PRO A 25 5.90 -21.24 -14.37
C PRO A 25 5.70 -22.71 -14.69
N ALA A 26 6.64 -23.28 -15.42
CA ALA A 26 6.62 -24.71 -15.77
C ALA A 26 7.11 -25.54 -14.60
N SER A 27 8.02 -24.96 -13.80
CA SER A 27 8.58 -25.55 -12.58
C SER A 27 7.48 -25.31 -11.51
N GLY A 31 3.07 -22.50 -6.36
CA GLY A 31 2.48 -21.19 -6.54
C GLY A 31 1.68 -21.07 -7.83
N GLY A 32 1.36 -19.85 -8.23
CA GLY A 32 0.59 -19.60 -9.46
C GLY A 32 1.41 -18.91 -10.53
N GLY A 33 0.71 -18.14 -11.37
CA GLY A 33 1.30 -17.50 -12.57
C GLY A 33 2.09 -16.23 -12.35
N LEU A 34 2.51 -15.60 -13.45
CA LEU A 34 3.37 -14.41 -13.38
C LEU A 34 2.54 -13.13 -13.36
N VAL A 35 2.92 -12.20 -12.48
CA VAL A 35 2.10 -11.02 -12.19
C VAL A 35 2.92 -9.74 -11.99
N PRO A 36 2.31 -8.54 -12.26
CA PRO A 36 2.93 -7.33 -11.78
C PRO A 36 2.90 -7.13 -10.24
N ALA A 37 4.12 -6.89 -9.79
CA ALA A 37 4.45 -6.43 -8.45
C ALA A 37 5.72 -5.57 -8.54
N ASN A 38 5.85 -4.58 -7.65
CA ASN A 38 7.06 -3.76 -7.57
C ASN A 38 8.26 -4.58 -7.07
N VAL A 39 9.47 -4.25 -7.53
CA VAL A 39 10.66 -5.09 -7.29
C VAL A 39 11.23 -4.97 -5.87
N ASP A 40 11.14 -3.75 -5.33
CA ASP A 40 11.58 -3.41 -3.97
C ASP A 40 10.85 -2.15 -3.51
N LEU A 41 11.11 -1.73 -2.27
CA LEU A 41 10.44 -0.56 -1.69
C LEU A 41 10.99 0.81 -2.17
N SER A 42 11.89 0.78 -3.15
CA SER A 42 12.48 1.98 -3.73
C SER A 42 11.93 2.26 -5.12
N HIS A 43 11.17 1.32 -5.68
CA HIS A 43 10.62 1.45 -7.03
C HIS A 43 9.17 1.02 -7.06
N LEU A 44 8.29 1.94 -7.44
CA LEU A 44 6.88 1.61 -7.69
C LEU A 44 6.62 1.39 -9.18
N CYS A 45 7.07 2.33 -9.99
CA CYS A 45 6.97 2.23 -11.43
C CYS A 45 8.39 2.35 -12.02
N PRO A 46 8.70 1.58 -13.06
CA PRO A 46 7.81 0.55 -13.59
C PRO A 46 7.78 -0.72 -12.74
N LEU A 47 6.89 -1.63 -13.09
CA LEU A 47 6.67 -2.82 -12.30
C LEU A 47 7.53 -3.97 -12.76
N GLY A 48 7.88 -4.84 -11.81
CA GLY A 48 8.54 -6.10 -12.11
C GLY A 48 7.55 -7.25 -12.30
N ILE A 49 8.09 -8.42 -12.64
CA ILE A 49 7.28 -9.61 -12.90
C ILE A 49 7.64 -10.63 -11.84
N VAL A 50 6.66 -10.95 -10.99
CA VAL A 50 6.85 -11.92 -9.91
C VAL A 50 5.95 -13.13 -10.07
N ARG A 51 6.39 -14.26 -9.53
CA ARG A 51 5.56 -15.46 -9.43
C ARG A 51 4.68 -15.30 -8.21
N THR A 52 3.36 -15.32 -8.41
CA THR A 52 2.42 -15.25 -7.27
C THR A 52 2.53 -16.50 -6.40
N SER A 53 2.48 -16.32 -5.09
CA SER A 53 2.58 -17.48 -4.19
C SER A 53 1.22 -18.11 -3.93
N LEU A 54 0.16 -17.51 -4.49
CA LEU A 54 -1.19 -18.00 -4.32
C LEU A 54 -1.50 -19.08 -5.37
N PRO A 55 -1.80 -20.31 -4.91
CA PRO A 55 -1.89 -21.49 -5.76
C PRO A 55 -2.82 -21.43 -6.98
N TYR A 56 -3.93 -20.70 -6.95
CA TYR A 56 -4.86 -20.83 -8.08
C TYR A 56 -4.98 -19.60 -8.97
N GLN A 57 -4.11 -18.63 -8.71
CA GLN A 57 -4.07 -17.39 -9.46
C GLN A 57 -3.33 -17.69 -10.77
N PRO A 58 -4.01 -17.47 -11.91
CA PRO A 58 -3.46 -17.88 -13.21
C PRO A 58 -2.31 -17.00 -13.72
N GLY A 59 -2.18 -15.79 -13.16
CA GLY A 59 -1.24 -14.79 -13.65
C GLY A 59 -2.00 -13.64 -14.28
N LEU A 60 -1.30 -12.54 -14.57
CA LEU A 60 -1.90 -11.51 -15.41
C LEU A 60 -1.64 -11.89 -16.86
N PRO A 61 -2.71 -11.97 -17.69
CA PRO A 61 -2.54 -12.36 -19.10
C PRO A 61 -1.61 -11.43 -19.86
N VAL A 62 -0.96 -11.99 -20.88
CA VAL A 62 -0.12 -11.24 -21.81
C VAL A 62 -0.60 -11.50 -23.23
N THR A 63 -0.29 -10.57 -24.13
CA THR A 63 -0.38 -10.80 -25.56
C THR A 63 1.03 -10.72 -26.12
N ILE A 64 1.30 -11.55 -27.13
CA ILE A 64 2.61 -11.58 -27.77
C ILE A 64 2.48 -10.85 -29.11
N SER A 65 3.49 -10.03 -29.42
CA SER A 65 3.55 -9.35 -30.70
C SER A 65 4.90 -9.59 -31.38
N THR A 66 4.86 -9.67 -32.69
CA THR A 66 6.07 -9.81 -33.52
C THR A 66 6.36 -8.59 -34.35
N PRO A 67 7.58 -8.04 -34.27
CA PRO A 67 7.97 -7.00 -35.23
C PRO A 67 8.07 -7.59 -36.65
N ASN A 73 0.16 -15.26 -38.29
CA ASN A 73 -0.17 -14.93 -36.91
C ASN A 73 0.51 -15.84 -35.89
N ASP A 74 1.35 -16.75 -36.37
CA ASP A 74 2.04 -17.72 -35.51
C ASP A 74 3.23 -17.11 -34.78
N VAL A 75 3.41 -17.53 -33.53
CA VAL A 75 4.58 -17.19 -32.74
C VAL A 75 5.55 -18.35 -32.89
N LEU A 76 6.73 -18.07 -33.40
CA LEU A 76 7.74 -19.08 -33.62
C LEU A 76 8.87 -18.99 -32.59
N THR A 77 9.55 -20.10 -32.35
CA THR A 77 10.73 -20.12 -31.50
C THR A 77 11.88 -19.35 -32.17
N ASN A 78 12.82 -18.86 -31.36
CA ASN A 78 14.04 -18.16 -31.81
C ASN A 78 13.80 -16.97 -32.75
N THR A 79 12.66 -16.31 -32.58
CA THR A 79 12.32 -15.10 -33.33
C THR A 79 12.04 -13.97 -32.35
N ASN A 80 12.30 -12.73 -32.77
CA ASN A 80 12.07 -11.58 -31.92
C ASN A 80 10.58 -11.40 -31.66
N ILE A 81 10.22 -11.45 -30.38
CA ILE A 81 8.86 -11.19 -29.93
C ILE A 81 8.87 -10.16 -28.79
N ALA A 82 7.71 -9.56 -28.54
CA ALA A 82 7.53 -8.64 -27.41
C ALA A 82 6.32 -9.06 -26.56
N ILE A 83 6.55 -9.15 -25.26
CA ILE A 83 5.52 -9.56 -24.29
C ILE A 83 4.88 -8.32 -23.66
N THR A 84 3.56 -8.22 -23.75
CA THR A 84 2.81 -7.10 -23.17
C THR A 84 1.67 -7.60 -22.30
N PHE A 85 1.68 -7.18 -21.04
CA PHE A 85 0.59 -7.44 -20.11
C PHE A 85 -0.74 -6.91 -20.62
N ASP A 86 -1.80 -7.66 -20.38
CA ASP A 86 -3.16 -7.24 -20.73
C ASP A 86 -3.94 -6.96 -19.45
N ALA A 87 -4.26 -5.70 -19.23
CA ALA A 87 -4.93 -5.25 -18.02
C ALA A 87 -5.86 -4.06 -18.32
N PRO A 88 -7.08 -4.07 -17.77
CA PRO A 88 -8.02 -2.96 -17.98
C PRO A 88 -7.60 -1.67 -17.28
N ILE A 89 -6.79 -1.78 -16.21
CA ILE A 89 -6.26 -0.61 -15.50
C ILE A 89 -4.75 -0.73 -15.38
N TRP A 90 -4.04 0.39 -15.45
CA TRP A 90 -2.59 0.42 -15.29
C TRP A 90 -2.15 1.74 -14.62
N PRO A 91 -1.69 1.67 -13.35
CA PRO A 91 -1.38 2.86 -12.56
C PRO A 91 0.03 3.42 -12.73
N CYS A 92 0.79 2.91 -13.69
CA CYS A 92 2.09 3.48 -13.99
C CYS A 92 2.02 4.28 -15.28
N PRO A 93 2.77 5.38 -15.38
CA PRO A 93 2.67 6.23 -16.55
C PRO A 93 3.33 5.66 -17.81
N SER A 94 3.78 4.41 -17.77
CA SER A 94 4.42 3.76 -18.94
C SER A 94 3.69 2.49 -19.42
N SER A 95 4.26 1.80 -20.41
CA SER A 95 3.61 0.67 -21.09
C SER A 95 3.58 -0.61 -20.24
N LYS A 96 2.78 -1.57 -20.72
CA LYS A 96 2.69 -2.87 -20.10
C LYS A 96 3.63 -3.90 -20.75
N THR A 97 4.54 -3.40 -21.60
CA THR A 97 5.48 -4.26 -22.34
C THR A 97 6.73 -4.56 -21.53
N TRP A 98 7.03 -5.85 -21.40
CA TRP A 98 8.22 -6.33 -20.73
C TRP A 98 9.49 -5.82 -21.41
N THR A 99 10.51 -5.56 -20.60
CA THR A 99 11.80 -5.04 -21.04
C THR A 99 12.79 -5.31 -19.91
N VAL A 100 14.05 -4.96 -20.12
CA VAL A 100 15.09 -5.19 -19.10
C VAL A 100 15.45 -3.89 -18.41
N ASP A 101 15.44 -3.92 -17.08
CA ASP A 101 15.91 -2.81 -16.25
C ASP A 101 17.44 -2.79 -16.33
N SER A 102 17.95 -2.07 -17.32
CA SER A 102 19.39 -1.98 -17.59
C SER A 102 20.18 -1.40 -16.43
N SER A 103 19.63 -0.34 -15.83
CA SER A 103 20.27 0.38 -14.71
C SER A 103 20.51 -0.50 -13.47
N SER A 104 19.54 -1.36 -13.11
CA SER A 104 19.65 -2.17 -11.90
C SER A 104 20.73 -3.25 -11.99
N GLU A 105 21.31 -3.56 -10.82
CA GLU A 105 22.32 -4.61 -10.68
C GLU A 105 21.71 -5.97 -10.95
N GLU A 106 20.49 -6.15 -10.45
CA GLU A 106 19.74 -7.40 -10.52
C GLU A 106 19.32 -7.73 -11.96
N LYS A 107 19.16 -6.69 -12.78
CA LYS A 107 18.70 -6.78 -14.18
C LYS A 107 17.26 -7.30 -14.27
N TYR A 108 16.39 -6.79 -13.40
CA TYR A 108 14.97 -7.16 -13.34
C TYR A 108 14.29 -7.00 -14.69
N ILE A 109 13.41 -7.93 -15.03
CA ILE A 109 12.51 -7.75 -16.16
C ILE A 109 11.39 -6.85 -15.65
N ILE A 110 11.24 -5.70 -16.30
CA ILE A 110 10.29 -4.68 -15.88
C ILE A 110 9.34 -4.31 -17.01
N THR A 111 8.23 -3.67 -16.66
CA THR A 111 7.28 -3.13 -17.64
C THR A 111 7.79 -1.79 -18.19
N GLY A 112 7.05 -1.20 -19.13
CA GLY A 112 7.41 0.13 -19.67
C GLY A 112 8.27 0.16 -20.92
N GLY A 113 8.56 -1.01 -21.52
CA GLY A 113 9.29 -1.08 -22.78
C GLY A 113 8.48 -0.63 -23.99
N ASP A 114 9.17 -0.38 -25.09
CA ASP A 114 8.54 -0.04 -26.37
C ASP A 114 8.43 -1.33 -27.22
N PRO A 115 7.19 -1.82 -27.47
CA PRO A 115 6.99 -3.13 -28.13
C PRO A 115 7.54 -3.20 -29.56
N LYS A 116 7.75 -2.04 -30.19
CA LYS A 116 8.31 -1.93 -31.53
C LYS A 116 9.84 -1.77 -31.50
N SER A 117 10.37 -1.46 -30.32
CA SER A 117 11.81 -1.27 -30.09
C SER A 117 12.53 -2.53 -29.64
N GLY A 118 13.82 -2.60 -29.96
CA GLY A 118 14.68 -3.75 -29.67
C GLY A 118 14.95 -3.99 -28.20
N GLU A 119 14.80 -2.95 -27.38
CA GLU A 119 14.92 -3.02 -25.92
C GLU A 119 13.88 -3.98 -25.30
N SER A 120 12.84 -4.28 -26.08
CA SER A 120 11.72 -5.12 -25.66
C SER A 120 11.68 -6.50 -26.32
N PHE A 121 12.67 -6.80 -27.17
CA PHE A 121 12.68 -8.08 -27.89
C PHE A 121 13.25 -9.22 -27.04
N PHE A 122 12.44 -10.26 -26.90
CA PHE A 122 12.87 -11.52 -26.31
C PHE A 122 12.70 -12.60 -27.35
N ARG A 123 13.31 -13.75 -27.08
CA ARG A 123 13.14 -14.94 -27.90
C ARG A 123 12.66 -16.10 -27.04
N ILE A 124 11.63 -16.77 -27.54
CA ILE A 124 11.09 -17.96 -26.89
C ILE A 124 11.86 -19.15 -27.42
N GLU A 125 12.51 -19.88 -26.52
CA GLU A 125 13.32 -21.05 -26.87
C GLU A 125 12.81 -22.28 -26.11
N LYS A 126 13.07 -23.48 -26.63
CA LYS A 126 12.74 -24.73 -25.93
C LYS A 126 13.56 -24.89 -24.66
N TYR A 127 12.92 -25.44 -23.63
CA TYR A 127 13.60 -25.72 -22.37
C TYR A 127 13.54 -27.23 -22.12
N GLY A 128 14.68 -27.79 -21.66
CA GLY A 128 14.85 -29.19 -21.28
C GLY A 128 13.68 -30.12 -21.02
N ASN A 129 13.79 -31.32 -21.58
CA ASN A 129 12.72 -32.37 -21.53
C ASN A 129 11.33 -32.06 -21.98
N GLY A 130 10.39 -31.86 -21.03
CA GLY A 130 8.95 -31.76 -21.27
C GLY A 130 8.50 -30.89 -22.40
N LYS A 131 7.46 -31.35 -23.09
CA LYS A 131 6.83 -30.62 -24.20
C LYS A 131 6.14 -29.36 -23.68
N ASN A 132 6.01 -28.37 -24.58
CA ASN A 132 5.33 -27.09 -24.31
C ASN A 132 5.99 -26.23 -23.22
N THR A 133 7.21 -26.59 -22.86
CA THR A 133 8.02 -25.87 -21.87
C THR A 133 9.07 -25.00 -22.58
N TYR A 134 9.13 -23.73 -22.17
CA TYR A 134 9.99 -22.76 -22.84
C TYR A 134 10.79 -21.90 -21.88
N LYS A 135 11.74 -21.15 -22.43
CA LYS A 135 12.48 -20.14 -21.68
C LYS A 135 12.49 -18.85 -22.49
N LEU A 136 12.66 -17.72 -21.81
CA LEU A 136 12.85 -16.47 -22.50
C LEU A 136 14.31 -16.14 -22.52
N VAL A 137 14.80 -15.79 -23.71
CA VAL A 137 16.21 -15.46 -23.91
C VAL A 137 16.28 -14.10 -24.60
N ARG A 138 17.26 -13.31 -24.19
CA ARG A 138 17.49 -11.99 -24.77
C ARG A 138 18.82 -11.91 -25.50
N TYR A 139 18.73 -11.44 -26.75
CA TYR A 139 19.87 -11.14 -27.58
C TYR A 139 19.90 -9.64 -27.81
N GLY A 144 23.87 -15.15 -26.03
CA GLY A 144 22.65 -15.63 -25.36
C GLY A 144 22.46 -15.45 -23.86
N LYS A 145 21.57 -14.52 -23.48
CA LYS A 145 21.27 -14.24 -22.08
C LYS A 145 19.83 -14.63 -21.74
N SER A 146 19.66 -15.62 -20.87
CA SER A 146 18.32 -16.13 -20.55
C SER A 146 17.67 -15.42 -19.35
N VAL A 147 16.34 -15.48 -19.30
CA VAL A 147 15.55 -14.92 -18.21
C VAL A 147 15.46 -15.96 -17.10
N GLY A 148 15.92 -15.56 -15.91
CA GLY A 148 15.83 -16.38 -14.71
C GLY A 148 15.05 -15.66 -13.64
N SER A 149 15.21 -16.07 -12.39
CA SER A 149 14.54 -15.41 -11.29
C SER A 149 15.47 -15.14 -10.13
N THR A 150 15.12 -14.12 -9.35
CA THR A 150 15.81 -13.80 -8.10
C THR A 150 14.80 -13.57 -6.97
N LYS A 151 15.21 -13.89 -5.74
CA LYS A 151 14.43 -13.55 -4.57
C LYS A 151 14.27 -12.04 -4.52
N SER A 152 13.03 -11.59 -4.37
CA SER A 152 12.72 -10.17 -4.22
C SER A 152 11.57 -9.99 -3.22
N LEU A 153 11.19 -8.73 -3.02
CA LEU A 153 10.15 -8.31 -2.08
C LEU A 153 8.92 -9.24 -2.04
N TRP A 154 8.29 -9.46 -3.18
CA TRP A 154 7.04 -10.21 -3.25
C TRP A 154 7.21 -11.69 -3.58
N GLY A 155 8.44 -12.11 -3.75
CA GLY A 155 8.76 -13.48 -4.15
C GLY A 155 9.70 -13.50 -5.35
N PRO A 156 9.77 -14.65 -6.05
CA PRO A 156 10.69 -14.77 -7.21
C PRO A 156 10.34 -13.73 -8.29
N ALA A 157 11.32 -12.90 -8.64
CA ALA A 157 11.15 -11.91 -9.68
C ALA A 157 11.99 -12.24 -10.89
N LEU A 158 11.42 -12.05 -12.08
CA LEU A 158 12.15 -12.32 -13.34
C LEU A 158 13.34 -11.38 -13.53
N VAL A 159 14.48 -11.96 -13.85
CA VAL A 159 15.73 -11.22 -14.09
C VAL A 159 16.43 -11.74 -15.33
N LEU A 160 17.28 -10.91 -15.91
CA LEU A 160 18.17 -11.33 -16.97
C LEU A 160 19.42 -11.94 -16.34
N ASN A 161 19.67 -13.22 -16.66
CA ASN A 161 20.91 -13.89 -16.24
C ASN A 161 22.12 -13.36 -17.00
N ASP A 162 23.31 -13.61 -16.49
CA ASP A 162 24.54 -13.12 -17.20
C ASP A 162 25.08 -14.17 -18.15
N ALA A 170 17.82 -20.63 -16.09
CA ALA A 170 16.66 -20.16 -16.90
C ALA A 170 15.35 -20.49 -16.18
N PHE A 171 14.41 -19.55 -16.21
CA PHE A 171 13.10 -19.71 -15.57
C PHE A 171 12.14 -20.35 -16.56
N PRO A 172 11.85 -21.68 -16.40
CA PRO A 172 11.01 -22.38 -17.37
C PRO A 172 9.55 -21.95 -17.29
N ILE A 173 8.94 -21.74 -18.46
CA ILE A 173 7.58 -21.21 -18.56
C ILE A 173 6.73 -22.02 -19.52
N LYS A 174 5.43 -22.07 -19.24
CA LYS A 174 4.43 -22.58 -20.17
C LYS A 174 3.49 -21.44 -20.50
N PHE A 175 2.81 -21.54 -21.64
CA PHE A 175 1.81 -20.57 -22.02
C PHE A 175 0.44 -21.23 -21.95
N ARG A 176 -0.42 -20.76 -21.04
CA ARG A 176 -1.78 -21.26 -20.96
C ARG A 176 -2.71 -20.27 -21.64
N GLU A 177 -3.54 -20.75 -22.54
CA GLU A 177 -4.51 -19.90 -23.23
C GLU A 177 -5.64 -19.50 -22.28
N VAL A 178 -5.99 -18.22 -22.32
CA VAL A 178 -7.04 -17.64 -21.48
C VAL A 178 -8.39 -17.93 -22.13
N ASP A 179 -9.15 -18.85 -21.52
CA ASP A 179 -10.31 -19.50 -22.20
C ASP A 179 -11.52 -18.63 -22.61
N GLU B 4 -35.25 -27.40 0.70
CA GLU B 4 -33.97 -28.01 1.19
C GLU B 4 -33.32 -28.86 0.09
N GLU B 5 -33.03 -28.23 -1.05
CA GLU B 5 -32.40 -28.88 -2.19
C GLU B 5 -30.89 -28.55 -2.31
N PRO B 6 -30.10 -29.40 -2.99
CA PRO B 6 -28.65 -29.13 -3.10
C PRO B 6 -28.29 -27.86 -3.87
N VAL B 7 -27.31 -27.12 -3.35
CA VAL B 7 -26.67 -26.01 -4.07
C VAL B 7 -25.77 -26.66 -5.13
N LYS B 8 -25.88 -26.15 -6.36
CA LYS B 8 -25.11 -26.67 -7.48
C LYS B 8 -24.01 -25.67 -7.91
N ASP B 9 -22.88 -26.20 -8.36
CA ASP B 9 -21.82 -25.37 -8.92
C ASP B 9 -22.13 -24.99 -10.38
N THR B 10 -21.20 -24.29 -11.04
CA THR B 10 -21.37 -23.85 -12.44
C THR B 10 -21.47 -25.01 -13.45
N ASN B 11 -21.01 -26.20 -13.05
CA ASN B 11 -21.16 -27.43 -13.85
C ASN B 11 -22.44 -28.19 -13.52
N GLY B 12 -23.30 -27.59 -12.68
CA GLY B 12 -24.53 -28.22 -12.25
C GLY B 12 -24.37 -29.34 -11.23
N ASN B 13 -23.12 -29.58 -10.79
CA ASN B 13 -22.80 -30.58 -9.77
C ASN B 13 -23.11 -30.06 -8.37
N PRO B 14 -23.57 -30.94 -7.45
CA PRO B 14 -23.84 -30.47 -6.09
C PRO B 14 -22.56 -30.01 -5.36
N LEU B 15 -22.68 -28.89 -4.64
CA LEU B 15 -21.64 -28.38 -3.77
C LEU B 15 -21.35 -29.35 -2.64
N LYS B 16 -20.07 -29.56 -2.37
CA LYS B 16 -19.62 -30.37 -1.24
C LYS B 16 -18.92 -29.49 -0.20
N ILE B 17 -19.09 -29.83 1.08
CA ILE B 17 -18.32 -29.18 2.14
C ILE B 17 -16.84 -29.55 2.03
N GLU B 18 -15.98 -28.73 2.64
CA GLU B 18 -14.52 -28.95 2.67
C GLU B 18 -13.93 -29.11 1.25
N THR B 19 -14.56 -28.45 0.29
CA THR B 19 -14.16 -28.45 -1.10
C THR B 19 -13.99 -26.99 -1.52
N ARG B 20 -12.96 -26.73 -2.32
CA ARG B 20 -12.64 -25.37 -2.72
C ARG B 20 -13.50 -24.86 -3.86
N TYR B 21 -14.11 -23.70 -3.66
CA TYR B 21 -14.90 -23.03 -4.69
C TYR B 21 -14.54 -21.56 -4.82
N PHE B 22 -14.50 -21.07 -6.05
CA PHE B 22 -14.50 -19.64 -6.30
C PHE B 22 -15.94 -19.18 -6.22
N ILE B 23 -16.22 -18.18 -5.39
CA ILE B 23 -17.52 -17.52 -5.43
C ILE B 23 -17.41 -16.42 -6.46
N GLN B 24 -18.05 -16.65 -7.60
CA GLN B 24 -18.00 -15.75 -8.75
C GLN B 24 -19.30 -14.97 -8.90
N PRO B 25 -19.21 -13.65 -9.12
CA PRO B 25 -20.41 -12.88 -9.41
C PRO B 25 -21.14 -13.48 -10.60
N ALA B 26 -22.45 -13.69 -10.43
CA ALA B 26 -23.29 -14.21 -11.50
C ALA B 26 -23.64 -13.12 -12.50
N SER B 27 -23.71 -11.88 -12.00
CA SER B 27 -24.28 -10.73 -12.74
C SER B 27 -23.71 -10.43 -14.16
N GLY B 31 -15.27 -7.99 -15.11
CA GLY B 31 -14.82 -8.19 -13.70
C GLY B 31 -14.67 -9.67 -13.37
N GLY B 32 -13.92 -9.96 -12.32
CA GLY B 32 -13.67 -11.35 -11.89
C GLY B 32 -14.33 -11.69 -10.58
N GLY B 33 -13.73 -12.64 -9.86
CA GLY B 33 -14.30 -13.22 -8.63
C GLY B 33 -14.15 -12.41 -7.35
N LEU B 34 -14.58 -12.99 -6.23
CA LEU B 34 -14.58 -12.29 -4.94
C LEU B 34 -13.29 -12.51 -4.17
N VAL B 35 -12.75 -11.42 -3.60
CA VAL B 35 -11.40 -11.42 -3.04
C VAL B 35 -11.28 -10.60 -1.74
N PRO B 36 -10.31 -10.96 -0.86
CA PRO B 36 -9.96 -10.03 0.21
C PRO B 36 -9.25 -8.75 -0.26
N ALA B 37 -9.89 -7.67 0.23
CA ALA B 37 -9.40 -6.31 0.20
C ALA B 37 -9.94 -5.60 1.42
N ASN B 38 -9.18 -4.61 1.94
CA ASN B 38 -9.66 -3.76 3.04
C ASN B 38 -10.81 -2.85 2.58
N VAL B 39 -11.73 -2.53 3.49
CA VAL B 39 -13.00 -1.85 3.11
C VAL B 39 -12.82 -0.36 2.84
N ASP B 40 -11.93 0.27 3.60
CA ASP B 40 -11.57 1.69 3.51
C ASP B 40 -10.18 1.90 4.13
N LEU B 41 -9.68 3.13 4.08
CA LEU B 41 -8.35 3.46 4.60
C LEU B 41 -8.26 3.57 6.13
N SER B 42 -9.36 3.26 6.82
CA SER B 42 -9.42 3.28 8.28
C SER B 42 -9.40 1.89 8.89
N HIS B 43 -9.51 0.86 8.05
CA HIS B 43 -9.54 -0.53 8.50
C HIS B 43 -8.66 -1.41 7.63
N LEU B 44 -7.66 -2.04 8.23
CA LEU B 44 -6.84 -3.03 7.52
C LEU B 44 -7.31 -4.44 7.85
N CYS B 45 -7.48 -4.72 9.13
CA CYS B 45 -8.00 -6.00 9.59
C CYS B 45 -9.25 -5.73 10.44
N PRO B 46 -10.27 -6.58 10.33
CA PRO B 46 -10.31 -7.67 9.36
C PRO B 46 -10.63 -7.19 7.94
N LEU B 47 -10.56 -8.10 6.99
CA LEU B 47 -10.70 -7.76 5.58
C LEU B 47 -12.14 -7.88 5.12
N GLY B 48 -12.49 -7.05 4.14
CA GLY B 48 -13.76 -7.16 3.45
C GLY B 48 -13.67 -8.01 2.19
N ILE B 49 -14.82 -8.20 1.54
CA ILE B 49 -14.90 -9.04 0.34
C ILE B 49 -15.29 -8.14 -0.81
N VAL B 50 -14.39 -8.01 -1.79
CA VAL B 50 -14.63 -7.16 -2.95
C VAL B 50 -14.62 -7.97 -4.24
N ARG B 51 -15.33 -7.47 -5.25
CA ARG B 51 -15.28 -8.03 -6.59
C ARG B 51 -14.06 -7.45 -7.27
N THR B 52 -13.14 -8.31 -7.71
CA THR B 52 -11.96 -7.85 -8.45
C THR B 52 -12.36 -7.28 -9.81
N SER B 53 -11.72 -6.19 -10.21
CA SER B 53 -12.05 -5.58 -11.50
C SER B 53 -11.26 -6.19 -12.64
N LEU B 54 -10.34 -7.11 -12.29
CA LEU B 54 -9.52 -7.79 -13.29
C LEU B 54 -10.24 -9.00 -13.87
N PRO B 55 -10.50 -8.99 -15.19
CA PRO B 55 -11.38 -9.95 -15.85
C PRO B 55 -11.13 -11.44 -15.63
N TYR B 56 -9.89 -11.88 -15.48
CA TYR B 56 -9.67 -13.34 -15.46
C TYR B 56 -9.21 -13.90 -14.14
N GLN B 57 -9.25 -13.05 -13.11
CA GLN B 57 -8.96 -13.46 -11.76
C GLN B 57 -10.17 -14.20 -11.22
N PRO B 58 -9.97 -15.47 -10.81
CA PRO B 58 -11.08 -16.33 -10.43
C PRO B 58 -11.71 -15.99 -9.08
N GLY B 59 -10.98 -15.26 -8.24
CA GLY B 59 -11.37 -15.01 -6.85
C GLY B 59 -10.45 -15.76 -5.90
N LEU B 60 -10.53 -15.45 -4.61
CA LEU B 60 -9.86 -16.29 -3.63
C LEU B 60 -10.81 -17.42 -3.27
N PRO B 61 -10.35 -18.69 -3.41
CA PRO B 61 -11.22 -19.82 -3.10
C PRO B 61 -11.73 -19.82 -1.66
N VAL B 62 -12.91 -20.40 -1.49
CA VAL B 62 -13.51 -20.61 -0.19
C VAL B 62 -13.83 -22.10 -0.01
N THR B 63 -13.90 -22.52 1.24
CA THR B 63 -14.51 -23.81 1.60
C THR B 63 -15.77 -23.52 2.40
N ILE B 64 -16.80 -24.32 2.19
CA ILE B 64 -18.06 -24.18 2.91
C ILE B 64 -18.10 -25.24 4.02
N SER B 65 -18.57 -24.84 5.19
CA SER B 65 -18.75 -25.76 6.31
C SER B 65 -20.17 -25.64 6.86
N THR B 66 -20.68 -26.77 7.33
CA THR B 66 -21.98 -26.86 8.01
C THR B 66 -21.81 -27.18 9.49
N PRO B 67 -22.48 -26.39 10.37
CA PRO B 67 -22.56 -26.77 11.77
C PRO B 67 -23.36 -28.06 11.94
N ASN B 73 -22.13 -34.58 3.42
CA ASN B 73 -21.15 -33.69 2.81
C ASN B 73 -21.75 -32.68 1.84
N ASP B 74 -23.05 -32.79 1.60
CA ASP B 74 -23.75 -31.89 0.67
C ASP B 74 -24.05 -30.54 1.32
N VAL B 75 -23.94 -29.49 0.51
CA VAL B 75 -24.36 -28.14 0.90
C VAL B 75 -25.74 -27.95 0.31
N LEU B 76 -26.70 -27.71 1.19
CA LEU B 76 -28.09 -27.54 0.78
C LEU B 76 -28.52 -26.09 0.87
N THR B 77 -29.51 -25.72 0.06
CA THR B 77 -30.11 -24.38 0.14
C THR B 77 -30.86 -24.20 1.47
N ASN B 78 -31.01 -22.94 1.90
CA ASN B 78 -31.76 -22.57 3.11
C ASN B 78 -31.34 -23.29 4.40
N THR B 79 -30.06 -23.66 4.48
CA THR B 79 -29.46 -24.27 5.67
C THR B 79 -28.29 -23.42 6.11
N ASN B 80 -28.01 -23.44 7.42
CA ASN B 80 -26.92 -22.66 7.98
C ASN B 80 -25.57 -23.20 7.50
N ILE B 81 -24.84 -22.33 6.80
CA ILE B 81 -23.48 -22.63 6.35
C ILE B 81 -22.54 -21.50 6.77
N ALA B 82 -21.23 -21.81 6.76
CA ALA B 82 -20.19 -20.81 7.02
C ALA B 82 -19.15 -20.81 5.91
N ILE B 83 -18.86 -19.62 5.40
CA ILE B 83 -17.92 -19.42 4.29
C ILE B 83 -16.54 -19.04 4.83
N THR B 84 -15.52 -19.79 4.47
CA THR B 84 -14.15 -19.52 4.91
C THR B 84 -13.18 -19.48 3.74
N PHE B 85 -12.50 -18.36 3.58
CA PHE B 85 -11.45 -18.20 2.58
C PHE B 85 -10.34 -19.24 2.76
N ASP B 86 -9.83 -19.72 1.64
CA ASP B 86 -8.71 -20.65 1.63
C ASP B 86 -7.47 -19.95 1.08
N ALA B 87 -6.48 -19.73 1.95
CA ALA B 87 -5.29 -18.97 1.58
C ALA B 87 -4.07 -19.47 2.32
N PRO B 88 -2.93 -19.64 1.60
CA PRO B 88 -1.68 -20.06 2.25
C PRO B 88 -1.07 -19.02 3.17
N ILE B 89 -1.40 -17.75 2.96
CA ILE B 89 -0.92 -16.65 3.83
C ILE B 89 -2.11 -15.82 4.31
N TRP B 90 -2.08 -15.39 5.57
CA TRP B 90 -3.13 -14.51 6.11
C TRP B 90 -2.54 -13.53 7.13
N PRO B 91 -2.43 -12.23 6.75
CA PRO B 91 -1.74 -11.24 7.57
C PRO B 91 -2.59 -10.55 8.63
N CYS B 92 -3.81 -11.04 8.85
CA CYS B 92 -4.64 -10.48 9.91
C CYS B 92 -4.70 -11.46 11.06
N PRO B 93 -4.76 -10.95 12.31
CA PRO B 93 -4.71 -11.82 13.48
C PRO B 93 -5.99 -12.61 13.73
N SER B 94 -6.95 -12.57 12.79
CA SER B 94 -8.22 -13.30 12.94
C SER B 94 -8.48 -14.33 11.82
N SER B 95 -9.65 -14.97 11.85
CA SER B 95 -9.99 -16.07 10.93
C SER B 95 -10.29 -15.61 9.50
N LYS B 96 -10.34 -16.59 8.59
CA LYS B 96 -10.71 -16.34 7.22
C LYS B 96 -12.22 -16.55 6.97
N THR B 97 -12.99 -16.70 8.04
CA THR B 97 -14.42 -16.96 7.96
C THR B 97 -15.23 -15.68 7.83
N TRP B 98 -16.08 -15.63 6.82
CA TRP B 98 -16.97 -14.51 6.58
C TRP B 98 -17.95 -14.32 7.73
N THR B 99 -18.29 -13.07 8.00
CA THR B 99 -19.19 -12.66 9.08
C THR B 99 -19.64 -11.24 8.77
N VAL B 100 -20.51 -10.68 9.61
CA VAL B 100 -21.03 -9.32 9.38
C VAL B 100 -20.36 -8.35 10.32
N ASP B 101 -19.86 -7.25 9.76
CA ASP B 101 -19.32 -6.14 10.53
C ASP B 101 -20.50 -5.38 11.11
N SER B 102 -20.90 -5.80 12.32
CA SER B 102 -22.05 -5.24 13.03
C SER B 102 -21.87 -3.75 13.34
N SER B 103 -20.68 -3.37 13.77
CA SER B 103 -20.34 -2.00 14.15
C SER B 103 -20.49 -0.98 13.01
N SER B 104 -20.08 -1.35 11.80
CA SER B 104 -20.11 -0.41 10.66
C SER B 104 -21.53 -0.08 10.19
N GLU B 105 -21.67 1.15 9.68
CA GLU B 105 -22.93 1.64 9.12
C GLU B 105 -23.28 0.87 7.85
N GLU B 106 -22.26 0.59 7.06
CA GLU B 106 -22.37 -0.06 5.76
C GLU B 106 -22.78 -1.54 5.91
N LYS B 107 -22.45 -2.14 7.05
CA LYS B 107 -22.70 -3.55 7.36
C LYS B 107 -21.90 -4.48 6.43
N TYR B 108 -20.63 -4.14 6.20
CA TYR B 108 -19.71 -4.92 5.36
C TYR B 108 -19.64 -6.38 5.80
N ILE B 109 -19.59 -7.28 4.83
CA ILE B 109 -19.24 -8.66 5.12
C ILE B 109 -17.72 -8.68 5.26
N ILE B 110 -17.26 -9.12 6.42
CA ILE B 110 -15.84 -9.11 6.78
C ILE B 110 -15.36 -10.50 7.19
N THR B 111 -14.05 -10.69 7.20
CA THR B 111 -13.43 -11.91 7.69
C THR B 111 -13.34 -11.88 9.23
N GLY B 112 -12.83 -12.96 9.83
CA GLY B 112 -12.65 -13.00 11.28
C GLY B 112 -13.76 -13.59 12.13
N GLY B 113 -14.81 -14.12 11.48
CA GLY B 113 -15.90 -14.80 12.20
C GLY B 113 -15.52 -16.16 12.76
N ASP B 114 -16.36 -16.67 13.65
CA ASP B 114 -16.19 -18.01 14.21
C ASP B 114 -17.09 -18.98 13.43
N PRO B 115 -16.50 -19.94 12.68
CA PRO B 115 -17.27 -20.81 11.77
C PRO B 115 -18.28 -21.72 12.47
N LYS B 116 -18.09 -21.94 13.76
CA LYS B 116 -18.99 -22.74 14.59
C LYS B 116 -20.08 -21.88 15.26
N SER B 117 -19.87 -20.56 15.25
CA SER B 117 -20.78 -19.59 15.84
C SER B 117 -21.80 -19.03 14.85
N GLY B 118 -22.96 -18.62 15.39
CA GLY B 118 -24.09 -18.12 14.62
C GLY B 118 -23.86 -16.78 13.94
N GLU B 119 -22.88 -16.03 14.44
CA GLU B 119 -22.45 -14.75 13.85
C GLU B 119 -21.92 -14.93 12.42
N SER B 120 -21.57 -16.18 12.09
CA SER B 120 -20.96 -16.56 10.82
C SER B 120 -21.89 -17.35 9.89
N PHE B 121 -23.13 -17.60 10.33
CA PHE B 121 -24.07 -18.38 9.54
C PHE B 121 -24.75 -17.57 8.45
N PHE B 122 -24.59 -18.05 7.22
CA PHE B 122 -25.33 -17.54 6.07
C PHE B 122 -26.17 -18.67 5.51
N ARG B 123 -27.12 -18.32 4.66
CA ARG B 123 -27.92 -19.29 3.93
C ARG B 123 -27.85 -19.01 2.45
N ILE B 124 -27.60 -20.06 1.68
CA ILE B 124 -27.55 -19.98 0.23
C ILE B 124 -28.96 -20.21 -0.29
N GLU B 125 -29.48 -19.22 -1.01
CA GLU B 125 -30.84 -19.26 -1.57
C GLU B 125 -30.79 -19.08 -3.09
N LYS B 126 -31.82 -19.56 -3.79
CA LYS B 126 -31.94 -19.35 -5.25
C LYS B 126 -32.13 -17.87 -5.58
N TYR B 127 -31.53 -17.45 -6.68
CA TYR B 127 -31.70 -16.09 -7.20
C TYR B 127 -32.34 -16.16 -8.59
N GLY B 128 -33.29 -15.25 -8.84
CA GLY B 128 -33.97 -15.04 -10.14
C GLY B 128 -34.06 -16.16 -11.16
N ASN B 129 -33.77 -15.83 -12.44
CA ASN B 129 -33.96 -16.73 -13.59
C ASN B 129 -32.97 -17.86 -13.62
N GLY B 130 -31.73 -17.57 -14.04
CA GLY B 130 -30.71 -18.58 -14.40
C GLY B 130 -30.46 -19.66 -13.38
N LYS B 131 -30.20 -20.86 -13.87
CA LYS B 131 -29.79 -22.00 -13.03
C LYS B 131 -28.41 -21.77 -12.43
N ASN B 132 -28.15 -22.43 -11.30
CA ASN B 132 -26.87 -22.37 -10.57
C ASN B 132 -26.51 -20.98 -10.03
N THR B 133 -27.48 -20.08 -10.03
CA THR B 133 -27.34 -18.71 -9.52
C THR B 133 -27.97 -18.60 -8.13
N TYR B 134 -27.21 -18.02 -7.21
CA TYR B 134 -27.62 -17.97 -5.81
C TYR B 134 -27.41 -16.59 -5.18
N LYS B 135 -27.97 -16.41 -3.99
CA LYS B 135 -27.70 -15.25 -3.15
C LYS B 135 -27.35 -15.72 -1.75
N LEU B 136 -26.64 -14.89 -1.00
CA LEU B 136 -26.41 -15.17 0.40
C LEU B 136 -27.38 -14.36 1.23
N VAL B 137 -28.03 -15.04 2.16
CA VAL B 137 -29.02 -14.42 3.03
C VAL B 137 -28.65 -14.75 4.47
N GLY B 144 -34.27 -12.51 6.90
CA GLY B 144 -34.60 -12.27 5.53
C GLY B 144 -33.77 -11.09 5.21
N LYS B 145 -32.48 -11.07 5.58
CA LYS B 145 -31.56 -10.01 5.12
C LYS B 145 -30.52 -10.57 4.15
N SER B 146 -30.57 -10.10 2.90
CA SER B 146 -29.68 -10.60 1.86
C SER B 146 -28.36 -9.83 1.75
N VAL B 147 -27.34 -10.50 1.20
CA VAL B 147 -26.04 -9.91 0.95
C VAL B 147 -26.06 -9.20 -0.39
N GLY B 148 -25.75 -7.91 -0.36
CA GLY B 148 -25.64 -7.07 -1.56
C GLY B 148 -24.25 -6.49 -1.66
N SER B 149 -24.11 -5.44 -2.46
CA SER B 149 -22.81 -4.78 -2.57
C SER B 149 -22.93 -3.28 -2.46
N THR B 150 -21.84 -2.65 -2.04
CA THR B 150 -21.71 -1.19 -2.03
C THR B 150 -20.38 -0.76 -2.65
N LYS B 151 -20.38 0.41 -3.27
CA LYS B 151 -19.16 1.01 -3.76
C LYS B 151 -18.24 1.24 -2.55
N SER B 152 -16.99 0.76 -2.67
CA SER B 152 -15.98 0.97 -1.65
C SER B 152 -14.62 1.20 -2.31
N LEU B 153 -13.59 1.36 -1.46
CA LEU B 153 -12.22 1.64 -1.86
C LEU B 153 -11.75 0.89 -3.12
N TRP B 154 -11.82 -0.44 -3.08
CA TRP B 154 -11.27 -1.28 -4.14
C TRP B 154 -12.29 -1.70 -5.18
N GLY B 155 -13.53 -1.27 -5.02
CA GLY B 155 -14.62 -1.67 -5.89
C GLY B 155 -15.82 -2.14 -5.08
N PRO B 156 -16.76 -2.87 -5.73
CA PRO B 156 -17.96 -3.36 -5.04
C PRO B 156 -17.59 -4.26 -3.86
N ALA B 157 -18.03 -3.90 -2.66
CA ALA B 157 -17.79 -4.69 -1.47
C ALA B 157 -19.09 -5.29 -0.96
N LEU B 158 -19.02 -6.55 -0.53
CA LEU B 158 -20.19 -7.24 0.00
C LEU B 158 -20.72 -6.62 1.31
N VAL B 159 -22.01 -6.37 1.34
CA VAL B 159 -22.68 -5.79 2.52
C VAL B 159 -23.98 -6.52 2.82
N LEU B 160 -24.42 -6.41 4.06
CA LEU B 160 -25.74 -6.90 4.46
C LEU B 160 -26.77 -5.83 4.14
N ASN B 161 -27.74 -6.16 3.29
CA ASN B 161 -28.85 -5.29 2.98
C ASN B 161 -29.81 -5.16 4.18
N ASP B 162 -30.67 -4.15 4.11
CA ASP B 162 -31.63 -3.82 5.15
C ASP B 162 -32.90 -4.70 5.02
N ALA B 170 -29.87 -7.88 -3.88
CA ALA B 170 -29.05 -9.06 -3.59
C ALA B 170 -27.93 -9.19 -4.63
N PHE B 171 -26.75 -9.56 -4.17
CA PHE B 171 -25.58 -9.74 -5.04
C PHE B 171 -25.56 -11.20 -5.52
N PRO B 172 -25.95 -11.44 -6.80
CA PRO B 172 -26.06 -12.80 -7.31
C PRO B 172 -24.69 -13.46 -7.50
N ILE B 173 -24.57 -14.70 -7.08
CA ILE B 173 -23.30 -15.44 -7.08
C ILE B 173 -23.45 -16.83 -7.70
N LYS B 174 -22.38 -17.30 -8.32
CA LYS B 174 -22.25 -18.70 -8.74
C LYS B 174 -21.06 -19.28 -8.00
N PHE B 175 -21.03 -20.59 -7.87
CA PHE B 175 -19.90 -21.28 -7.26
C PHE B 175 -19.17 -22.05 -8.34
N ARG B 176 -17.91 -21.69 -8.60
CA ARG B 176 -17.09 -22.43 -9.56
C ARG B 176 -16.15 -23.32 -8.79
N GLU B 177 -16.10 -24.61 -9.14
CA GLU B 177 -15.19 -25.55 -8.50
C GLU B 177 -13.75 -25.28 -8.94
N VAL B 178 -12.83 -25.28 -7.99
CA VAL B 178 -11.40 -25.08 -8.22
C VAL B 178 -10.83 -26.44 -8.61
N ASP B 179 -10.49 -26.61 -9.88
CA ASP B 179 -10.35 -27.94 -10.53
C ASP B 179 -9.27 -28.89 -10.05
N GLU C 5 14.38 8.68 39.97
CA GLU C 5 14.46 10.10 39.58
C GLU C 5 13.62 10.42 38.31
N PRO C 6 13.21 11.69 38.12
CA PRO C 6 12.38 12.03 36.95
C PRO C 6 13.05 11.83 35.59
N VAL C 7 12.28 11.28 34.65
CA VAL C 7 12.67 11.24 33.24
C VAL C 7 12.51 12.65 32.69
N LYS C 8 13.53 13.14 31.99
CA LYS C 8 13.52 14.49 31.42
C LYS C 8 13.39 14.44 29.90
N ASP C 9 12.71 15.44 29.34
CA ASP C 9 12.63 15.59 27.88
C ASP C 9 13.90 16.24 27.32
N THR C 10 13.92 16.51 26.01
CA THR C 10 15.08 17.13 25.35
C THR C 10 15.40 18.56 25.81
N ASN C 11 14.42 19.22 26.43
CA ASN C 11 14.60 20.53 27.07
C ASN C 11 15.00 20.42 28.55
N GLY C 12 15.27 19.20 29.00
CA GLY C 12 15.63 18.96 30.40
C GLY C 12 14.47 19.06 31.39
N ASN C 13 13.26 19.29 30.89
CA ASN C 13 12.03 19.34 31.69
C ASN C 13 11.54 17.93 32.05
N PRO C 14 10.96 17.76 33.25
CA PRO C 14 10.45 16.43 33.60
C PRO C 14 9.26 15.98 32.71
N LEU C 15 9.29 14.71 32.31
CA LEU C 15 8.21 14.08 31.56
C LEU C 15 6.96 14.01 32.39
N LYS C 16 5.83 14.36 31.77
CA LYS C 16 4.53 14.25 32.42
C LYS C 16 3.69 13.17 31.73
N ILE C 17 2.86 12.47 32.50
CA ILE C 17 1.87 11.54 31.94
C ILE C 17 0.81 12.31 31.14
N GLU C 18 0.12 11.61 30.24
CA GLU C 18 -0.97 12.19 29.44
C GLU C 18 -0.52 13.44 28.65
N THR C 19 0.76 13.46 28.30
CA THR C 19 1.39 14.54 27.55
C THR C 19 2.05 13.89 26.33
N ARG C 20 1.97 14.58 25.19
CA ARG C 20 2.46 14.03 23.95
C ARG C 20 3.96 14.23 23.77
N TYR C 21 4.65 13.12 23.49
CA TYR C 21 6.09 13.16 23.19
C TYR C 21 6.43 12.37 21.95
N PHE C 22 7.35 12.89 21.15
CA PHE C 22 8.01 12.10 20.12
C PHE C 22 9.10 11.31 20.81
N ILE C 23 9.11 9.99 20.61
CA ILE C 23 10.25 9.19 21.02
C ILE C 23 11.21 9.21 19.85
N GLN C 24 12.30 9.95 20.04
CA GLN C 24 13.31 10.13 19.01
C GLN C 24 14.56 9.33 19.32
N PRO C 25 15.12 8.64 18.30
CA PRO C 25 16.40 7.98 18.49
C PRO C 25 17.44 9.00 18.96
N ALA C 26 18.17 8.63 20.02
CA ALA C 26 19.23 9.47 20.55
C ALA C 26 20.49 9.32 19.71
N SER C 27 20.66 8.13 19.12
CA SER C 27 21.89 7.71 18.44
C SER C 27 22.40 8.65 17.31
N GLY C 31 18.21 10.00 9.79
CA GLY C 31 16.94 9.36 10.14
C GLY C 31 16.11 10.17 11.13
N GLY C 32 14.82 9.88 11.20
CA GLY C 32 13.91 10.59 12.08
C GLY C 32 13.39 9.73 13.23
N GLY C 33 12.20 10.04 13.72
CA GLY C 33 11.60 9.42 14.90
C GLY C 33 10.97 8.05 14.72
N LEU C 34 10.34 7.54 15.78
CA LEU C 34 9.75 6.21 15.78
C LEU C 34 8.30 6.21 15.33
N VAL C 35 7.94 5.26 14.46
CA VAL C 35 6.65 5.28 13.77
C VAL C 35 6.02 3.88 13.59
N PRO C 36 4.67 3.81 13.49
CA PRO C 36 4.07 2.55 13.03
C PRO C 36 4.32 2.20 11.56
N ALA C 37 4.81 0.96 11.46
CA ALA C 37 4.91 0.20 10.21
C ALA C 37 4.76 -1.29 10.53
N ASN C 38 4.24 -2.07 9.59
CA ASN C 38 4.16 -3.53 9.75
C ASN C 38 5.55 -4.19 9.75
N VAL C 39 5.72 -5.28 10.49
CA VAL C 39 7.07 -5.86 10.72
C VAL C 39 7.61 -6.65 9.52
N ASP C 40 6.69 -7.32 8.81
CA ASP C 40 6.98 -8.11 7.62
C ASP C 40 5.71 -8.26 6.78
N LEU C 41 5.82 -8.91 5.62
CA LEU C 41 4.69 -9.08 4.72
C LEU C 41 3.69 -10.18 5.13
N SER C 42 3.90 -10.76 6.31
CA SER C 42 3.04 -11.80 6.86
C SER C 42 2.14 -11.27 7.97
N HIS C 43 2.39 -10.04 8.42
CA HIS C 43 1.64 -9.42 9.52
C HIS C 43 1.33 -7.98 9.20
N LEU C 44 0.04 -7.65 9.15
CA LEU C 44 -0.39 -6.26 9.02
C LEU C 44 -0.74 -5.66 10.38
N CYS C 45 -1.53 -6.40 11.15
CA CYS C 45 -1.88 -6.02 12.50
C CYS C 45 -1.45 -7.15 13.44
N PRO C 46 -0.94 -6.81 14.63
CA PRO C 46 -0.69 -5.42 15.02
C PRO C 46 0.59 -4.86 14.39
N LEU C 47 0.83 -3.58 14.59
CA LEU C 47 1.93 -2.89 13.95
C LEU C 47 3.18 -2.91 14.81
N GLY C 48 4.33 -2.89 14.15
CA GLY C 48 5.63 -2.71 14.81
C GLY C 48 6.04 -1.24 14.87
N ILE C 49 7.18 -1.00 15.52
CA ILE C 49 7.70 0.35 15.71
C ILE C 49 9.02 0.42 14.94
N VAL C 50 9.08 1.25 13.92
CA VAL C 50 10.27 1.42 13.11
C VAL C 50 10.82 2.84 13.20
N ARG C 51 12.13 2.99 13.01
CA ARG C 51 12.77 4.28 12.86
C ARG C 51 12.58 4.72 11.42
N THR C 52 11.93 5.86 11.22
CA THR C 52 11.75 6.42 9.87
C THR C 52 13.09 6.84 9.28
N SER C 53 13.30 6.57 8.00
CA SER C 53 14.56 6.96 7.35
C SER C 53 14.52 8.39 6.83
N LEU C 54 13.35 9.02 6.95
CA LEU C 54 13.17 10.40 6.49
C LEU C 54 13.61 11.39 7.57
N PRO C 55 14.62 12.23 7.26
CA PRO C 55 15.34 13.04 8.25
C PRO C 55 14.50 13.96 9.15
N TYR C 56 13.40 14.53 8.67
CA TYR C 56 12.72 15.53 9.51
C TYR C 56 11.37 15.13 10.05
N GLN C 57 11.05 13.86 9.87
CA GLN C 57 9.84 13.29 10.42
C GLN C 57 10.07 13.05 11.91
N PRO C 58 9.24 13.67 12.77
CA PRO C 58 9.49 13.68 14.21
C PRO C 58 9.17 12.35 14.89
N GLY C 59 8.38 11.51 14.23
CA GLY C 59 7.84 10.28 14.80
C GLY C 59 6.36 10.42 15.00
N LEU C 60 5.67 9.31 15.30
CA LEU C 60 4.29 9.40 15.76
C LEU C 60 4.32 9.63 17.26
N PRO C 61 3.66 10.70 17.75
CA PRO C 61 3.68 11.01 19.18
C PRO C 61 3.10 9.88 20.03
N VAL C 62 3.59 9.80 21.26
CA VAL C 62 3.11 8.87 22.27
C VAL C 62 2.70 9.64 23.52
N THR C 63 1.81 9.04 24.30
CA THR C 63 1.55 9.48 25.67
C THR C 63 2.00 8.35 26.59
N ILE C 64 2.54 8.73 27.75
CA ILE C 64 2.99 7.76 28.74
C ILE C 64 1.95 7.70 29.83
N SER C 65 1.67 6.48 30.29
CA SER C 65 0.75 6.26 31.41
C SER C 65 1.41 5.39 32.46
N THR C 66 1.07 5.66 33.72
CA THR C 66 1.48 4.88 34.87
C THR C 66 0.30 4.12 35.46
N PRO C 67 0.48 2.80 35.71
CA PRO C 67 -0.49 2.05 36.52
C PRO C 67 -0.50 2.58 37.96
N ASN C 73 1.76 13.14 38.47
CA ASN C 73 1.82 13.25 37.01
C ASN C 73 3.21 13.03 36.42
N ASP C 74 4.21 12.91 37.29
CA ASP C 74 5.60 12.76 36.86
C ASP C 74 5.91 11.33 36.42
N VAL C 75 6.71 11.21 35.36
CA VAL C 75 7.22 9.92 34.90
C VAL C 75 8.61 9.77 35.47
N LEU C 76 8.79 8.72 36.25
CA LEU C 76 10.06 8.47 36.91
C LEU C 76 10.81 7.32 36.25
N THR C 77 12.13 7.32 36.39
CA THR C 77 12.96 6.20 35.91
C THR C 77 12.69 4.96 36.75
N ASN C 78 12.96 3.78 36.17
CA ASN C 78 12.84 2.47 36.86
C ASN C 78 11.47 2.19 37.48
N THR C 79 10.42 2.76 36.89
CA THR C 79 9.04 2.52 37.33
C THR C 79 8.24 2.00 36.14
N ASN C 80 7.21 1.20 36.43
CA ASN C 80 6.37 0.64 35.38
C ASN C 80 5.57 1.72 34.68
N ILE C 81 5.81 1.84 33.37
CA ILE C 81 5.06 2.75 32.51
C ILE C 81 4.55 2.00 31.29
N ALA C 82 3.55 2.58 30.62
CA ALA C 82 3.04 2.06 29.35
C ALA C 82 3.04 3.14 28.26
N ILE C 83 3.58 2.78 27.11
CA ILE C 83 3.70 3.69 25.97
C ILE C 83 2.54 3.46 24.99
N THR C 84 1.81 4.53 24.68
CA THR C 84 0.67 4.45 23.76
C THR C 84 0.80 5.52 22.67
N PHE C 85 0.82 5.07 21.43
CA PHE C 85 0.78 5.97 20.27
C PHE C 85 -0.46 6.86 20.29
N ASP C 86 -0.27 8.11 19.87
CA ASP C 86 -1.36 9.06 19.74
C ASP C 86 -1.62 9.33 18.25
N ALA C 87 -2.76 8.87 17.77
CA ALA C 87 -3.13 9.00 16.37
C ALA C 87 -4.65 9.10 16.23
N PRO C 88 -5.14 10.05 15.41
CA PRO C 88 -6.59 10.18 15.21
C PRO C 88 -7.21 9.02 14.42
N ILE C 89 -6.40 8.33 13.61
CA ILE C 89 -6.85 7.18 12.83
C ILE C 89 -5.97 5.96 13.13
N TRP C 90 -6.61 4.80 13.25
CA TRP C 90 -5.93 3.55 13.55
C TRP C 90 -6.62 2.38 12.86
N PRO C 91 -5.99 1.79 11.82
CA PRO C 91 -6.62 0.76 10.98
C PRO C 91 -6.50 -0.67 11.50
N CYS C 92 -5.99 -0.85 12.71
CA CYS C 92 -5.96 -2.18 13.30
C CYS C 92 -7.01 -2.29 14.36
N PRO C 93 -7.61 -3.49 14.51
CA PRO C 93 -8.68 -3.68 15.48
C PRO C 93 -8.19 -3.71 16.95
N SER C 94 -6.92 -3.40 17.19
CA SER C 94 -6.36 -3.40 18.55
C SER C 94 -5.82 -2.01 19.01
N SER C 95 -5.26 -1.97 20.22
CA SER C 95 -4.82 -0.71 20.84
C SER C 95 -3.54 -0.13 20.24
N LYS C 96 -3.26 1.12 20.59
CA LYS C 96 -2.03 1.78 20.17
C LYS C 96 -0.91 1.65 21.22
N THR C 97 -1.13 0.78 22.21
CA THR C 97 -0.19 0.59 23.32
C THR C 97 0.90 -0.43 22.95
N TRP C 98 2.14 -0.02 23.12
CA TRP C 98 3.30 -0.86 22.90
C TRP C 98 3.29 -2.06 23.83
N THR C 99 3.79 -3.18 23.32
CA THR C 99 3.84 -4.46 24.04
C THR C 99 4.85 -5.32 23.29
N VAL C 100 5.13 -6.52 23.79
CA VAL C 100 6.09 -7.43 23.18
C VAL C 100 5.37 -8.53 22.43
N ASP C 101 5.76 -8.73 21.18
CA ASP C 101 5.29 -9.86 20.37
C ASP C 101 5.97 -11.11 20.87
N SER C 102 5.34 -11.76 21.85
CA SER C 102 5.86 -12.95 22.51
C SER C 102 6.07 -14.12 21.55
N SER C 103 5.10 -14.33 20.66
CA SER C 103 5.12 -15.42 19.69
C SER C 103 6.30 -15.36 18.71
N SER C 104 6.66 -14.17 18.23
CA SER C 104 7.73 -14.03 17.23
C SER C 104 9.13 -14.33 17.80
N GLU C 105 10.00 -14.86 16.92
CA GLU C 105 11.39 -15.15 17.25
C GLU C 105 12.15 -13.87 17.53
N GLU C 106 11.86 -12.85 16.72
CA GLU C 106 12.52 -11.55 16.76
C GLU C 106 12.19 -10.78 18.04
N LYS C 107 11.02 -11.07 18.62
CA LYS C 107 10.49 -10.39 19.82
C LYS C 107 10.22 -8.91 19.56
N TYR C 108 9.63 -8.62 18.39
CA TYR C 108 9.26 -7.24 17.98
C TYR C 108 8.43 -6.54 19.04
N ILE C 109 8.70 -5.25 19.25
CA ILE C 109 7.79 -4.42 20.03
C ILE C 109 6.66 -4.06 19.08
N ILE C 110 5.45 -4.44 19.48
CA ILE C 110 4.26 -4.28 18.66
C ILE C 110 3.18 -3.48 19.41
N THR C 111 2.21 -2.98 18.65
CA THR C 111 1.04 -2.30 19.23
C THR C 111 0.02 -3.34 19.70
N GLY C 112 -1.09 -2.90 20.28
CA GLY C 112 -2.16 -3.81 20.70
C GLY C 112 -2.13 -4.32 22.13
N GLY C 113 -1.19 -3.84 22.94
CA GLY C 113 -1.13 -4.18 24.36
C GLY C 113 -2.23 -3.56 25.21
N ASP C 114 -2.40 -4.07 26.41
CA ASP C 114 -3.34 -3.51 27.39
C ASP C 114 -2.55 -2.60 28.36
N PRO C 115 -2.81 -1.26 28.32
CA PRO C 115 -2.00 -0.30 29.08
C PRO C 115 -2.08 -0.47 30.61
N LYS C 116 -3.12 -1.16 31.08
CA LYS C 116 -3.30 -1.46 32.49
C LYS C 116 -2.70 -2.82 32.87
N SER C 117 -2.37 -3.61 31.86
CA SER C 117 -1.78 -4.95 32.03
C SER C 117 -0.25 -4.95 32.00
N GLY C 118 0.33 -5.94 32.68
CA GLY C 118 1.78 -6.09 32.82
C GLY C 118 2.52 -6.44 31.55
N GLU C 119 1.80 -7.00 30.58
CA GLU C 119 2.33 -7.30 29.24
C GLU C 119 2.81 -6.04 28.50
N SER C 120 2.35 -4.88 28.99
CA SER C 120 2.61 -3.57 28.40
C SER C 120 3.57 -2.70 29.21
N PHE C 121 4.04 -3.21 30.34
CA PHE C 121 4.93 -2.42 31.22
C PHE C 121 6.37 -2.43 30.76
N PHE C 122 6.89 -1.22 30.56
CA PHE C 122 8.30 -0.99 30.30
C PHE C 122 8.84 -0.10 31.40
N ARG C 123 10.16 -0.03 31.49
CA ARG C 123 10.83 0.88 32.42
C ARG C 123 11.83 1.73 31.66
N ILE C 124 11.77 3.03 31.93
CA ILE C 124 12.66 4.00 31.33
C ILE C 124 13.89 4.09 32.23
N GLU C 125 15.05 3.78 31.68
CA GLU C 125 16.32 3.80 32.42
C GLU C 125 17.32 4.73 31.73
N LYS C 126 18.30 5.25 32.48
CA LYS C 126 19.37 6.06 31.90
C LYS C 126 20.25 5.26 30.95
N TYR C 127 20.69 5.91 29.87
CA TYR C 127 21.60 5.29 28.91
C TYR C 127 22.90 6.11 28.88
N GLY C 128 24.02 5.38 28.84
CA GLY C 128 25.40 5.89 28.65
C GLY C 128 25.70 7.36 28.41
N ASN C 129 26.28 7.71 27.25
CA ASN C 129 26.45 9.09 26.81
C ASN C 129 25.19 10.07 26.83
N GLY C 130 25.47 11.20 27.46
CA GLY C 130 24.64 12.39 27.40
C GLY C 130 23.42 12.35 28.29
N LYS C 131 23.07 13.55 28.77
CA LYS C 131 21.86 13.80 29.54
C LYS C 131 20.63 13.63 28.66
N ASN C 132 19.49 13.36 29.31
CA ASN C 132 18.18 13.21 28.66
C ASN C 132 18.09 12.02 27.68
N THR C 133 19.10 11.14 27.74
CA THR C 133 19.15 9.93 26.92
C THR C 133 18.74 8.71 27.74
N TYR C 134 17.84 7.91 27.19
CA TYR C 134 17.26 6.79 27.91
C TYR C 134 17.19 5.51 27.10
N LYS C 135 16.90 4.40 27.77
CA LYS C 135 16.60 3.14 27.12
C LYS C 135 15.31 2.59 27.69
N LEU C 136 14.63 1.72 26.93
CA LEU C 136 13.46 1.03 27.44
C LEU C 136 13.89 -0.37 27.83
N VAL C 137 13.50 -0.76 29.03
CA VAL C 137 13.85 -2.06 29.59
C VAL C 137 12.57 -2.73 30.07
N ARG C 138 12.48 -4.04 29.85
CA ARG C 138 11.34 -4.83 30.26
C ARG C 138 11.72 -5.87 31.31
N TYR C 139 10.95 -5.85 32.40
CA TYR C 139 11.04 -6.83 33.46
C TYR C 139 9.77 -7.65 33.48
N GLY C 144 16.73 -8.17 33.67
CA GLY C 144 16.68 -7.03 32.72
C GLY C 144 16.84 -7.31 31.22
N LYS C 145 15.75 -7.10 30.50
CA LYS C 145 15.74 -7.22 29.04
C LYS C 145 15.48 -5.85 28.41
N SER C 146 16.47 -5.33 27.69
CA SER C 146 16.35 -4.01 27.07
C SER C 146 15.79 -4.03 25.65
N VAL C 147 15.22 -2.89 25.23
CA VAL C 147 14.68 -2.73 23.88
C VAL C 147 15.81 -2.29 22.95
N GLY C 148 16.03 -3.08 21.91
CA GLY C 148 17.00 -2.80 20.85
C GLY C 148 16.29 -2.70 19.51
N SER C 149 17.04 -2.82 18.42
CA SER C 149 16.46 -2.81 17.10
C SER C 149 17.00 -3.91 16.21
N THR C 150 16.21 -4.32 15.23
CA THR C 150 16.61 -5.26 14.19
C THR C 150 16.22 -4.77 12.80
N LYS C 151 17.00 -5.14 11.79
CA LYS C 151 16.65 -4.86 10.42
C LYS C 151 15.33 -5.58 10.12
N SER C 152 14.38 -4.82 9.57
CA SER C 152 13.10 -5.36 9.13
C SER C 152 12.66 -4.69 7.82
N LEU C 153 11.49 -5.07 7.35
CA LEU C 153 10.89 -4.60 6.09
C LEU C 153 11.09 -3.11 5.82
N TRP C 154 10.65 -2.27 6.75
CA TRP C 154 10.65 -0.82 6.54
C TRP C 154 11.86 -0.10 7.13
N GLY C 155 12.77 -0.87 7.72
CA GLY C 155 13.94 -0.31 8.39
C GLY C 155 14.09 -0.88 9.79
N PRO C 156 14.92 -0.23 10.64
CA PRO C 156 15.16 -0.72 12.00
C PRO C 156 13.86 -0.79 12.79
N ALA C 157 13.52 -1.98 13.29
CA ALA C 157 12.32 -2.19 14.10
C ALA C 157 12.70 -2.50 15.53
N LEU C 158 11.97 -1.92 16.48
CA LEU C 158 12.20 -2.15 17.91
C LEU C 158 11.94 -3.61 18.30
N VAL C 159 12.90 -4.19 19.02
CA VAL C 159 12.81 -5.57 19.51
C VAL C 159 13.25 -5.66 20.95
N LEU C 160 12.79 -6.71 21.61
CA LEU C 160 13.27 -7.03 22.95
C LEU C 160 14.54 -7.85 22.82
N ASN C 161 15.64 -7.34 23.38
CA ASN C 161 16.91 -8.07 23.45
C ASN C 161 16.83 -9.22 24.45
N ASP C 162 17.82 -10.10 24.42
CA ASP C 162 18.08 -11.12 25.39
C ASP C 162 18.55 -10.65 26.78
N ASN C 169 23.51 -3.15 22.89
CA ASN C 169 22.46 -3.32 21.91
C ASN C 169 21.13 -2.65 22.28
N ALA C 170 21.09 -1.93 23.41
CA ALA C 170 19.94 -1.09 23.74
C ALA C 170 19.79 0.04 22.72
N PHE C 171 18.55 0.33 22.34
CA PHE C 171 18.24 1.39 21.38
C PHE C 171 18.02 2.70 22.16
N PRO C 172 19.02 3.61 22.13
CA PRO C 172 18.94 4.84 22.94
C PRO C 172 17.90 5.82 22.39
N ILE C 173 17.11 6.38 23.29
CA ILE C 173 16.00 7.26 22.94
C ILE C 173 16.01 8.56 23.73
N LYS C 174 15.51 9.62 23.10
CA LYS C 174 15.19 10.87 23.78
C LYS C 174 13.69 11.09 23.65
N PHE C 175 13.14 11.90 24.55
CA PHE C 175 11.75 12.27 24.46
C PHE C 175 11.65 13.75 24.10
N ARG C 176 11.10 14.05 22.93
CA ARG C 176 10.89 15.43 22.52
C ARG C 176 9.44 15.78 22.74
N GLU C 177 9.19 16.90 23.44
CA GLU C 177 7.84 17.37 23.68
C GLU C 177 7.23 17.93 22.39
N VAL C 178 5.98 17.55 22.13
CA VAL C 178 5.25 17.95 20.93
C VAL C 178 4.67 19.35 21.11
N ASP C 179 5.28 20.32 20.42
CA ASP C 179 4.80 21.72 20.46
C ASP C 179 3.76 21.97 19.40
N GLU D 5 7.81 41.91 -3.39
CA GLU D 5 8.36 41.91 -2.03
C GLU D 5 8.74 40.49 -1.55
N PRO D 6 9.65 40.37 -0.55
CA PRO D 6 10.08 39.03 -0.10
C PRO D 6 9.00 38.18 0.52
N VAL D 7 8.99 36.90 0.17
CA VAL D 7 8.18 35.87 0.86
C VAL D 7 8.89 35.60 2.19
N LYS D 8 8.11 35.62 3.28
CA LYS D 8 8.66 35.38 4.61
C LYS D 8 8.22 34.03 5.16
N ASP D 9 9.09 33.40 5.95
CA ASP D 9 8.74 32.16 6.64
C ASP D 9 7.91 32.44 7.91
N THR D 10 7.60 31.40 8.68
CA THR D 10 6.79 31.53 9.91
C THR D 10 7.47 32.35 11.02
N ASN D 11 8.79 32.52 10.92
CA ASN D 11 9.57 33.40 11.82
C ASN D 11 9.69 34.83 11.27
N GLY D 12 8.99 35.12 10.17
CA GLY D 12 9.06 36.42 9.53
C GLY D 12 10.34 36.70 8.76
N ASN D 13 11.24 35.71 8.69
CA ASN D 13 12.49 35.79 7.93
C ASN D 13 12.25 35.58 6.44
N PRO D 14 13.00 36.28 5.56
CA PRO D 14 12.81 36.06 4.12
C PRO D 14 13.18 34.65 3.66
N LEU D 15 12.36 34.08 2.79
CA LEU D 15 12.61 32.78 2.17
C LEU D 15 13.82 32.85 1.28
N LYS D 16 14.67 31.83 1.38
CA LYS D 16 15.84 31.70 0.52
C LYS D 16 15.68 30.51 -0.42
N ILE D 17 16.20 30.62 -1.64
CA ILE D 17 16.27 29.48 -2.57
C ILE D 17 17.25 28.43 -2.03
N GLU D 18 17.12 27.20 -2.51
CA GLU D 18 18.00 26.07 -2.13
C GLU D 18 18.05 25.86 -0.61
N THR D 19 16.94 26.20 0.05
CA THR D 19 16.78 26.06 1.49
C THR D 19 15.52 25.24 1.73
N ARG D 20 15.57 24.37 2.72
CA ARG D 20 14.47 23.44 2.99
C ARG D 20 13.36 24.08 3.80
N TYR D 21 12.13 23.98 3.28
CA TYR D 21 10.94 24.46 3.99
C TYR D 21 9.83 23.43 3.97
N PHE D 22 9.12 23.33 5.10
CA PHE D 22 7.84 22.65 5.12
C PHE D 22 6.81 23.63 4.61
N ILE D 23 6.03 23.23 3.61
CA ILE D 23 4.87 24.01 3.22
C ILE D 23 3.73 23.50 4.09
N GLN D 24 3.33 24.33 5.03
CA GLN D 24 2.30 23.98 6.00
C GLN D 24 1.00 24.72 5.71
N PRO D 25 -0.14 24.01 5.77
CA PRO D 25 -1.42 24.69 5.69
C PRO D 25 -1.51 25.79 6.73
N ALA D 26 -1.91 26.97 6.29
CA ALA D 26 -2.12 28.11 7.17
C ALA D 26 -3.46 27.99 7.89
N SER D 27 -4.43 27.36 7.21
CA SER D 27 -5.84 27.36 7.60
C SER D 27 -6.19 26.94 9.05
N GLY D 31 -4.72 18.65 11.56
CA GLY D 31 -3.98 18.20 10.37
C GLY D 31 -2.58 18.80 10.30
N GLY D 32 -1.71 18.14 9.53
CA GLY D 32 -0.31 18.57 9.41
C GLY D 32 0.03 19.09 8.04
N GLY D 33 1.30 18.96 7.66
CA GLY D 33 1.84 19.55 6.43
C GLY D 33 1.55 18.82 5.13
N LEU D 34 2.14 19.32 4.04
CA LEU D 34 1.89 18.77 2.69
C LEU D 34 2.86 17.67 2.34
N VAL D 35 2.33 16.57 1.77
CA VAL D 35 3.10 15.34 1.58
C VAL D 35 2.78 14.61 0.26
N PRO D 36 3.75 13.82 -0.27
CA PRO D 36 3.40 12.90 -1.34
C PRO D 36 2.51 11.71 -0.92
N ALA D 37 1.44 11.64 -1.72
CA ALA D 37 0.52 10.51 -1.77
C ALA D 37 -0.05 10.44 -3.19
N ASN D 38 -0.39 9.22 -3.64
CA ASN D 38 -1.07 9.04 -4.95
C ASN D 38 -2.50 9.63 -4.92
N VAL D 39 -2.96 10.13 -6.06
CA VAL D 39 -4.23 10.89 -6.13
C VAL D 39 -5.48 10.03 -6.06
N ASP D 40 -5.39 8.84 -6.67
CA ASP D 40 -6.46 7.83 -6.70
C ASP D 40 -5.85 6.46 -7.00
N LEU D 41 -6.69 5.42 -7.01
CA LEU D 41 -6.21 4.05 -7.23
C LEU D 41 -5.85 3.70 -8.69
N SER D 42 -5.94 4.69 -9.57
CA SER D 42 -5.62 4.53 -10.99
C SER D 42 -4.27 5.14 -11.36
N HIS D 43 -3.67 5.88 -10.42
CA HIS D 43 -2.39 6.55 -10.66
C HIS D 43 -1.47 6.38 -9.46
N LEU D 44 -0.33 5.73 -9.66
CA LEU D 44 0.71 5.66 -8.65
C LEU D 44 1.77 6.73 -8.86
N CYS D 45 2.26 6.82 -10.10
CA CYS D 45 3.20 7.84 -10.49
C CYS D 45 2.60 8.65 -11.64
N PRO D 46 2.81 9.96 -11.67
CA PRO D 46 3.51 10.68 -10.59
C PRO D 46 2.59 10.91 -9.38
N LEU D 47 3.17 11.45 -8.31
CA LEU D 47 2.47 11.59 -7.06
C LEU D 47 1.78 12.94 -6.93
N GLY D 48 0.68 12.96 -6.20
CA GLY D 48 0.00 14.20 -5.82
C GLY D 48 0.47 14.73 -4.49
N ILE D 49 -0.06 15.89 -4.11
CA ILE D 49 0.30 16.56 -2.87
C ILE D 49 -0.95 16.60 -2.02
N VAL D 50 -0.88 15.91 -0.87
CA VAL D 50 -2.00 15.88 0.07
C VAL D 50 -1.62 16.51 1.40
N ARG D 51 -2.61 17.06 2.10
CA ARG D 51 -2.47 17.50 3.47
C ARG D 51 -2.60 16.26 4.34
N THR D 52 -1.56 15.96 5.12
CA THR D 52 -1.60 14.83 6.05
C THR D 52 -2.62 15.08 7.16
N SER D 53 -3.37 14.04 7.54
CA SER D 53 -4.38 14.19 8.58
C SER D 53 -3.78 14.00 9.97
N LEU D 54 -2.49 13.65 10.03
CA LEU D 54 -1.79 13.45 11.29
C LEU D 54 -1.26 14.78 11.82
N PRO D 55 -1.73 15.21 13.01
CA PRO D 55 -1.51 16.54 13.54
C PRO D 55 -0.08 17.07 13.62
N TYR D 56 0.91 16.23 13.90
CA TYR D 56 2.25 16.80 14.16
C TYR D 56 3.29 16.49 13.10
N GLN D 57 2.83 15.93 11.99
CA GLN D 57 3.67 15.67 10.85
C GLN D 57 3.92 16.96 10.11
N PRO D 58 5.18 17.38 9.97
CA PRO D 58 5.51 18.70 9.45
C PRO D 58 5.29 18.87 7.94
N GLY D 59 5.23 17.75 7.22
CA GLY D 59 5.18 17.73 5.76
C GLY D 59 6.49 17.17 5.22
N LEU D 60 6.52 16.89 3.92
CA LEU D 60 7.80 16.61 3.28
C LEU D 60 8.41 17.92 2.84
N PRO D 61 9.66 18.20 3.28
CA PRO D 61 10.31 19.47 2.93
C PRO D 61 10.44 19.68 1.43
N VAL D 62 10.42 20.96 1.04
CA VAL D 62 10.65 21.38 -0.34
C VAL D 62 11.81 22.37 -0.37
N THR D 63 12.45 22.48 -1.53
CA THR D 63 13.34 23.59 -1.83
C THR D 63 12.70 24.39 -2.96
N ILE D 64 12.88 25.70 -2.91
CA ILE D 64 12.34 26.59 -3.95
C ILE D 64 13.49 27.00 -4.86
N SER D 65 13.21 27.01 -6.16
CA SER D 65 14.18 27.47 -7.15
C SER D 65 13.55 28.53 -8.04
N THR D 66 14.40 29.48 -8.45
CA THR D 66 14.03 30.53 -9.41
C THR D 66 14.74 30.32 -10.75
N PRO D 67 13.98 30.38 -11.86
CA PRO D 67 14.60 30.47 -13.18
C PRO D 67 15.36 31.80 -13.32
N ASN D 73 19.40 35.30 -3.98
CA ASN D 73 18.96 34.09 -3.28
C ASN D 73 17.58 34.22 -2.64
N ASP D 74 17.02 35.42 -2.69
CA ASP D 74 15.70 35.71 -2.12
C ASP D 74 14.56 35.20 -3.00
N VAL D 75 13.52 34.70 -2.35
CA VAL D 75 12.29 34.31 -3.02
C VAL D 75 11.33 35.48 -2.84
N LEU D 76 10.90 36.04 -3.96
CA LEU D 76 9.98 37.17 -3.95
C LEU D 76 8.57 36.75 -4.33
N THR D 77 7.58 37.52 -3.88
CA THR D 77 6.20 37.32 -4.28
C THR D 77 6.03 37.67 -5.77
N ASN D 78 5.00 37.09 -6.41
CA ASN D 78 4.64 37.36 -7.80
C ASN D 78 5.76 37.19 -8.83
N THR D 79 6.69 36.27 -8.53
CA THR D 79 7.78 35.90 -9.44
C THR D 79 7.70 34.40 -9.68
N ASN D 80 8.16 33.98 -10.86
CA ASN D 80 8.15 32.57 -11.22
C ASN D 80 9.12 31.79 -10.35
N ILE D 81 8.55 30.82 -9.62
CA ILE D 81 9.32 29.89 -8.81
C ILE D 81 8.91 28.46 -9.12
N ALA D 82 9.77 27.50 -8.75
CA ALA D 82 9.48 26.08 -8.88
C ALA D 82 9.69 25.36 -7.55
N ILE D 83 8.68 24.58 -7.15
CA ILE D 83 8.69 23.85 -5.88
C ILE D 83 9.14 22.41 -6.14
N THR D 84 10.17 21.96 -5.41
CA THR D 84 10.69 20.61 -5.54
C THR D 84 10.80 19.95 -4.17
N PHE D 85 10.12 18.81 -4.01
CA PHE D 85 10.23 17.99 -2.82
C PHE D 85 11.68 17.55 -2.56
N ASP D 86 12.06 17.52 -1.29
CA ASP D 86 13.36 17.04 -0.88
C ASP D 86 13.18 15.69 -0.15
N ALA D 87 13.66 14.61 -0.79
CA ALA D 87 13.40 13.27 -0.27
C ALA D 87 14.53 12.32 -0.53
N PRO D 88 14.95 11.55 0.52
CA PRO D 88 16.02 10.56 0.32
C PRO D 88 15.60 9.36 -0.52
N ILE D 89 14.31 9.08 -0.61
CA ILE D 89 13.79 8.00 -1.44
C ILE D 89 12.70 8.53 -2.38
N TRP D 90 12.71 8.08 -3.64
CA TRP D 90 11.68 8.47 -4.60
C TRP D 90 11.38 7.32 -5.57
N PRO D 91 10.22 6.66 -5.43
CA PRO D 91 9.91 5.43 -6.17
C PRO D 91 9.28 5.65 -7.54
N CYS D 92 9.20 6.89 -8.00
CA CYS D 92 8.64 7.19 -9.28
C CYS D 92 9.74 7.56 -10.24
N PRO D 93 9.59 7.19 -11.53
CA PRO D 93 10.65 7.42 -12.49
C PRO D 93 10.81 8.89 -12.93
N SER D 94 10.08 9.81 -12.28
CA SER D 94 10.15 11.24 -12.63
C SER D 94 10.61 12.15 -11.47
N SER D 95 10.63 13.47 -11.70
CA SER D 95 11.17 14.43 -10.74
C SER D 95 10.28 14.66 -9.52
N LYS D 96 10.85 15.34 -8.52
CA LYS D 96 10.12 15.74 -7.33
C LYS D 96 9.56 17.16 -7.43
N THR D 97 9.59 17.73 -8.64
CA THR D 97 9.13 19.10 -8.88
C THR D 97 7.63 19.15 -9.16
N TRP D 98 6.94 19.99 -8.39
CA TRP D 98 5.51 20.21 -8.55
C TRP D 98 5.18 20.78 -9.92
N THR D 99 4.02 20.39 -10.44
CA THR D 99 3.53 20.78 -11.77
C THR D 99 2.03 20.49 -11.79
N VAL D 100 1.35 20.81 -12.89
CA VAL D 100 -0.09 20.60 -12.99
C VAL D 100 -0.38 19.40 -13.86
N ASP D 101 -1.22 18.49 -13.35
CA ASP D 101 -1.73 17.37 -14.12
C ASP D 101 -2.78 17.89 -15.09
N SER D 102 -2.31 18.26 -16.28
CA SER D 102 -3.15 18.84 -17.33
C SER D 102 -4.27 17.91 -17.79
N SER D 103 -3.91 16.63 -17.96
CA SER D 103 -4.84 15.60 -18.44
C SER D 103 -6.05 15.38 -17.52
N SER D 104 -5.85 15.39 -16.20
CA SER D 104 -6.93 15.11 -15.25
C SER D 104 -7.99 16.21 -15.20
N GLU D 105 -9.23 15.79 -14.91
CA GLU D 105 -10.37 16.69 -14.76
C GLU D 105 -10.19 17.58 -13.54
N GLU D 106 -9.67 16.96 -12.47
CA GLU D 106 -9.46 17.59 -11.17
C GLU D 106 -8.38 18.66 -11.21
N LYS D 107 -7.42 18.51 -12.13
CA LYS D 107 -6.25 19.40 -12.29
C LYS D 107 -5.33 19.32 -11.08
N TYR D 108 -5.09 18.11 -10.59
CA TYR D 108 -4.21 17.84 -9.44
C TYR D 108 -2.83 18.46 -9.63
N ILE D 109 -2.28 19.01 -8.54
CA ILE D 109 -0.87 19.37 -8.55
C ILE D 109 -0.11 18.07 -8.31
N ILE D 110 0.76 17.74 -9.25
CA ILE D 110 1.50 16.47 -9.24
C ILE D 110 3.01 16.72 -9.32
N THR D 111 3.78 15.70 -8.97
CA THR D 111 5.24 15.72 -9.11
C THR D 111 5.63 15.41 -10.56
N GLY D 112 6.92 15.44 -10.87
CA GLY D 112 7.40 15.09 -12.20
C GLY D 112 7.60 16.21 -13.20
N GLY D 113 7.40 17.46 -12.77
CA GLY D 113 7.66 18.62 -13.62
C GLY D 113 9.13 18.91 -13.87
N ASP D 114 9.40 19.75 -14.87
CA ASP D 114 10.75 20.20 -15.17
C ASP D 114 10.97 21.58 -14.50
N PRO D 115 11.87 21.66 -13.50
CA PRO D 115 12.02 22.89 -12.69
C PRO D 115 12.48 24.12 -13.49
N LYS D 116 13.09 23.87 -14.65
CA LYS D 116 13.56 24.93 -15.54
C LYS D 116 12.49 25.31 -16.59
N SER D 117 11.47 24.46 -16.71
CA SER D 117 10.36 24.66 -17.65
C SER D 117 9.16 25.38 -17.03
N GLY D 118 8.41 26.07 -17.89
CA GLY D 118 7.26 26.88 -17.50
C GLY D 118 6.07 26.11 -16.98
N GLU D 119 6.01 24.82 -17.33
CA GLU D 119 4.98 23.89 -16.83
C GLU D 119 5.03 23.74 -15.29
N SER D 120 6.17 24.14 -14.72
CA SER D 120 6.47 24.01 -13.29
C SER D 120 6.46 25.34 -12.54
N PHE D 121 6.20 26.45 -13.23
CA PHE D 121 6.24 27.77 -12.60
C PHE D 121 4.96 28.09 -11.85
N PHE D 122 5.13 28.39 -10.57
CA PHE D 122 4.07 28.91 -9.72
C PHE D 122 4.51 30.29 -9.23
N ARG D 123 3.54 31.04 -8.71
CA ARG D 123 3.81 32.32 -8.07
C ARG D 123 3.25 32.33 -6.67
N ILE D 124 4.08 32.78 -5.74
CA ILE D 124 3.70 32.90 -4.33
C ILE D 124 3.10 34.29 -4.15
N GLU D 125 1.84 34.34 -3.73
CA GLU D 125 1.10 35.60 -3.52
C GLU D 125 0.58 35.69 -2.10
N LYS D 126 0.34 36.89 -1.60
CA LYS D 126 -0.25 37.11 -0.27
C LYS D 126 -1.69 36.58 -0.19
N TYR D 127 -2.04 36.02 0.95
CA TYR D 127 -3.39 35.55 1.23
C TYR D 127 -3.95 36.32 2.43
N GLY D 128 -5.21 36.73 2.35
CA GLY D 128 -5.96 37.43 3.40
C GLY D 128 -5.23 38.40 4.33
N ASN D 129 -5.65 38.40 5.58
CA ASN D 129 -5.14 39.32 6.63
C ASN D 129 -3.76 38.91 7.10
N GLY D 130 -3.70 37.86 7.92
CA GLY D 130 -2.52 37.40 8.65
C GLY D 130 -1.20 37.32 7.92
N LYS D 131 -0.15 37.75 8.61
CA LYS D 131 1.20 37.84 8.06
C LYS D 131 1.76 36.43 7.80
N ASN D 132 2.71 36.37 6.86
CA ASN D 132 3.42 35.13 6.50
C ASN D 132 2.53 34.04 5.89
N THR D 133 1.30 34.42 5.53
CA THR D 133 0.32 33.54 4.89
C THR D 133 0.27 33.80 3.38
N TYR D 134 0.35 32.73 2.60
CA TYR D 134 0.46 32.84 1.15
C TYR D 134 -0.47 31.88 0.42
N LYS D 135 -0.58 32.08 -0.90
CA LYS D 135 -1.23 31.12 -1.79
C LYS D 135 -0.32 30.85 -2.97
N LEU D 136 -0.51 29.71 -3.62
CA LEU D 136 0.18 29.46 -4.87
C LEU D 136 -0.77 29.75 -6.00
N VAL D 137 -0.27 30.50 -6.98
CA VAL D 137 -1.05 30.89 -8.15
C VAL D 137 -0.26 30.51 -9.39
N ARG D 138 -0.98 30.03 -10.40
CA ARG D 138 -0.38 29.70 -11.68
C ARG D 138 -0.87 30.60 -12.81
N TYR D 139 0.11 31.13 -13.52
CA TYR D 139 -0.13 31.90 -14.75
C TYR D 139 0.48 31.10 -15.89
N GLY D 144 -5.15 34.74 -13.67
CA GLY D 144 -4.82 34.14 -12.36
C GLY D 144 -5.60 32.92 -11.87
N LYS D 145 -4.92 31.77 -11.89
CA LYS D 145 -5.49 30.51 -11.40
C LYS D 145 -4.76 30.05 -10.14
N SER D 146 -5.48 30.01 -9.03
CA SER D 146 -4.89 29.69 -7.73
C SER D 146 -4.96 28.19 -7.39
N VAL D 147 -4.05 27.77 -6.51
CA VAL D 147 -4.00 26.39 -6.04
C VAL D 147 -4.95 26.24 -4.86
N GLY D 148 -5.89 25.31 -5.00
CA GLY D 148 -6.85 24.97 -3.94
C GLY D 148 -6.71 23.50 -3.59
N SER D 149 -7.74 22.95 -2.95
CA SER D 149 -7.73 21.54 -2.62
C SER D 149 -9.04 20.86 -2.97
N THR D 150 -8.96 19.55 -3.20
CA THR D 150 -10.14 18.70 -3.41
C THR D 150 -10.03 17.43 -2.56
N LYS D 151 -11.18 16.92 -2.15
CA LYS D 151 -11.23 15.62 -1.47
C LYS D 151 -10.70 14.57 -2.45
N SER D 152 -9.74 13.78 -1.97
CA SER D 152 -9.19 12.67 -2.73
C SER D 152 -8.92 11.47 -1.80
N LEU D 153 -8.36 10.41 -2.38
CA LEU D 153 -8.07 9.15 -1.70
C LEU D 153 -7.52 9.31 -0.28
N TRP D 154 -6.41 10.04 -0.15
CA TRP D 154 -5.71 10.15 1.13
C TRP D 154 -6.07 11.38 1.94
N GLY D 155 -6.99 12.19 1.42
CA GLY D 155 -7.39 13.44 2.06
C GLY D 155 -7.35 14.58 1.06
N PRO D 156 -7.35 15.84 1.57
CA PRO D 156 -7.31 17.01 0.69
C PRO D 156 -6.08 17.00 -0.19
N ALA D 157 -6.29 17.03 -1.52
CA ALA D 157 -5.20 17.07 -2.47
C ALA D 157 -5.16 18.41 -3.18
N LEU D 158 -3.96 18.94 -3.39
CA LEU D 158 -3.78 20.21 -4.09
C LEU D 158 -4.23 20.13 -5.55
N VAL D 159 -5.04 21.11 -5.94
CA VAL D 159 -5.54 21.21 -7.31
C VAL D 159 -5.44 22.63 -7.81
N LEU D 160 -5.44 22.77 -9.14
CA LEU D 160 -5.54 24.08 -9.75
C LEU D 160 -7.01 24.47 -9.86
N ASN D 161 -7.38 25.57 -9.24
CA ASN D 161 -8.74 26.13 -9.36
C ASN D 161 -8.94 26.73 -10.74
N ASP D 162 -10.20 26.95 -11.12
CA ASP D 162 -10.54 27.76 -12.31
C ASP D 162 -10.44 29.26 -12.07
N ASP D 163 -11.03 29.72 -10.96
CA ASP D 163 -10.78 31.03 -10.29
C ASP D 163 -10.33 32.26 -11.10
N ASP D 164 -10.84 33.39 -10.61
CA ASP D 164 -10.39 34.74 -11.02
C ASP D 164 -9.40 35.33 -10.01
N ASP D 165 -8.56 34.44 -9.48
CA ASP D 165 -7.54 34.70 -8.46
C ASP D 165 -8.11 35.41 -7.21
N SER D 166 -9.00 34.70 -6.50
CA SER D 166 -9.44 35.07 -5.15
C SER D 166 -8.99 34.07 -4.08
N ASP D 167 -9.07 34.52 -2.82
CA ASP D 167 -8.66 33.72 -1.70
C ASP D 167 -9.78 32.82 -1.19
N GLU D 168 -10.88 32.72 -1.96
CA GLU D 168 -12.06 31.99 -1.53
C GLU D 168 -11.81 30.48 -1.46
N ASN D 169 -11.37 29.91 -2.58
CA ASN D 169 -10.99 28.49 -2.65
C ASN D 169 -9.50 28.26 -2.76
N ALA D 170 -8.69 29.32 -2.68
CA ALA D 170 -7.23 29.18 -2.58
C ALA D 170 -6.86 28.46 -1.28
N PHE D 171 -5.88 27.57 -1.38
CA PHE D 171 -5.38 26.80 -0.23
C PHE D 171 -4.26 27.60 0.45
N PRO D 172 -4.56 28.23 1.61
CA PRO D 172 -3.58 29.11 2.26
C PRO D 172 -2.42 28.31 2.88
N ILE D 173 -1.20 28.79 2.67
CA ILE D 173 0.00 28.10 3.10
C ILE D 173 0.97 29.02 3.85
N LYS D 174 1.71 28.44 4.78
CA LYS D 174 2.85 29.09 5.41
C LYS D 174 4.09 28.27 5.06
N PHE D 175 5.26 28.92 5.14
CA PHE D 175 6.50 28.22 4.94
C PHE D 175 7.24 28.15 6.27
N ARG D 176 7.43 26.93 6.79
CA ARG D 176 8.20 26.75 8.01
C ARG D 176 9.58 26.27 7.64
N GLU D 177 10.61 26.95 8.17
CA GLU D 177 11.98 26.55 7.92
C GLU D 177 12.33 25.26 8.67
N VAL D 178 12.99 24.34 7.98
CA VAL D 178 13.41 23.05 8.54
C VAL D 178 14.74 23.29 9.25
N ASP D 179 14.71 23.28 10.59
CA ASP D 179 15.94 23.46 11.40
C ASP D 179 16.58 22.08 11.65
MG CLA E . 0.27 -7.06 -8.52
CHA CLA E . -0.42 -10.31 -7.55
CHB CLA E . 1.82 -6.50 -5.56
CHC CLA E . 0.75 -3.81 -9.45
CHD CLA E . -1.81 -7.54 -11.27
NA CLA E . 0.84 -8.21 -6.96
C1A CLA E . 0.51 -9.52 -6.72
C2A CLA E . 1.10 -10.06 -5.43
C3A CLA E . 1.56 -8.80 -4.76
C4A CLA E . 1.44 -7.76 -5.82
CMA CLA E . 0.59 -8.49 -3.63
CAA CLA E . 2.19 -11.11 -5.66
CBA CLA E . 2.82 -11.76 -4.42
CGA CLA E . 1.85 -12.71 -3.78
O1A CLA E . 1.78 -13.89 -4.12
O2A CLA E . 0.98 -12.18 -2.73
NB CLA E . 1.23 -5.46 -7.68
C1B CLA E . 1.69 -5.33 -6.44
C2B CLA E . 2.15 -4.04 -6.11
C3B CLA E . 1.83 -3.31 -7.25
C4B CLA E . 1.22 -4.20 -8.12
CMB CLA E . 2.81 -3.60 -4.82
CAB CLA E . 2.03 -1.87 -7.54
CBB CLA E . 2.91 -1.12 -6.91
NC CLA E . -0.35 -5.89 -10.10
C1C CLA E . -0.14 -4.60 -10.33
C2C CLA E . -0.76 -4.08 -11.46
C3C CLA E . -1.48 -5.13 -11.97
C4C CLA E . -1.23 -6.19 -11.09
CMC CLA E . -0.69 -2.70 -12.05
CAC CLA E . -2.35 -5.08 -13.22
CBC CLA E . -3.67 -4.45 -12.86
ND CLA E . -0.76 -8.60 -9.34
C1D CLA E . -1.67 -8.67 -10.32
C2D CLA E . -2.28 -9.93 -10.40
C3D CLA E . -1.80 -10.56 -9.28
C4D CLA E . -0.99 -9.73 -8.62
CMD CLA E . -3.26 -10.61 -11.31
CAD CLA E . -1.88 -11.84 -8.56
OBD CLA E . -2.57 -12.87 -8.86
CBD CLA E . -0.97 -11.71 -7.38
CGD CLA E . -1.75 -11.85 -6.11
O1D CLA E . -1.37 -12.58 -5.22
O2D CLA E . -2.97 -11.09 -5.95
CED CLA E . -3.44 -10.72 -4.66
C1 CLA E . 0.24 -13.03 -1.84
C2 CLA E . 0.04 -12.27 -0.56
C3 CLA E . -0.91 -11.33 -0.34
C4 CLA E . -1.92 -10.96 -1.38
C5 CLA E . -0.96 -10.66 1.02
C6 CLA E . 0.01 -9.49 1.08
C7 CLA E . 0.48 -9.25 2.52
C8 CLA E . 0.04 -7.97 3.25
C9 CLA E . -1.48 -7.77 3.26
C10 CLA E . 0.85 -6.75 2.76
C11 CLA E . 0.04 -5.47 2.48
C12 CLA E . 0.84 -4.35 1.81
C13 CLA E . 1.70 -3.49 2.76
C14 CLA E . 0.87 -2.48 3.57
C15 CLA E . 2.87 -2.82 2.01
C16 CLA E . 2.46 -1.90 0.85
C17 CLA E . 3.68 -1.53 0.01
C18 CLA E . 3.34 -1.30 -1.47
C19 CLA E . 2.84 0.12 -1.72
C20 CLA E . 4.57 -1.56 -2.34
MG CLA F . -6.49 -8.79 -1.80
CHA CLA F . -7.24 -8.90 -5.15
CHB CLA F . -6.28 -5.39 -1.97
CHC CLA F . -5.53 -8.76 1.43
CHD CLA F . -6.19 -12.29 -1.86
NA CLA F . -6.93 -7.37 -3.18
C1A CLA F . -7.25 -7.57 -4.48
C2A CLA F . -7.52 -6.29 -5.23
C3A CLA F . -6.98 -5.25 -4.28
C4A CLA F . -6.73 -6.04 -3.04
CMA CLA F . -5.71 -4.65 -4.86
CAA CLA F . -9.00 -6.08 -5.52
CBA CLA F . -9.29 -4.79 -6.30
CGA CLA F . -8.81 -4.90 -7.72
O1A CLA F . -9.43 -5.57 -8.51
O2A CLA F . -7.61 -4.17 -8.12
NB CLA F . -6.06 -7.30 -0.47
C1B CLA F . -5.91 -5.99 -0.68
C2B CLA F . -5.48 -5.25 0.43
C3B CLA F . -5.28 -6.25 1.37
C4B CLA F . -5.59 -7.44 0.77
CMB CLA F . -5.28 -3.75 0.54
CAB CLA F . -4.80 -6.10 2.76
CBB CLA F . -4.59 -4.92 3.33
NC CLA F . -6.01 -10.24 -0.43
C1C CLA F . -5.59 -10.09 0.81
C2C CLA F . -5.28 -11.28 1.46
C3C CLA F . -5.46 -12.27 0.53
C4C CLA F . -5.87 -11.58 -0.60
CMC CLA F . -4.83 -11.47 2.89
CAC CLA F . -5.26 -13.76 0.68
CBC CLA F . -3.82 -14.05 0.34
ND CLA F . -6.77 -10.29 -3.13
C1D CLA F . -6.50 -11.61 -3.13
C2D CLA F . -6.69 -12.23 -4.36
C3D CLA F . -6.97 -11.14 -5.18
C4D CLA F . -6.92 -10.02 -4.45
CMD CLA F . -6.65 -13.64 -4.87
CAD CLA F . -7.30 -10.76 -6.58
OBD CLA F . -7.43 -11.54 -7.60
CBD CLA F . -7.47 -9.27 -6.60
CGD CLA F . -6.43 -8.60 -7.44
O1D CLA F . -6.77 -7.71 -8.21
O2D CLA F . -5.06 -9.02 -7.34
CED CLA F . -3.96 -8.09 -7.34
C1 CLA F . -6.90 -4.40 -9.34
C2 CLA F . -5.89 -3.28 -9.53
C3 CLA F . -4.56 -3.35 -9.29
C4 CLA F . -3.86 -4.59 -8.79
C5 CLA F . -3.69 -2.14 -9.52
C6 CLA F . -4.14 -1.06 -8.54
C7 CLA F . -3.07 -0.03 -8.26
C8 CLA F . -3.07 0.25 -6.77
C9 CLA F . -3.32 1.73 -6.44
C10 CLA F . -1.76 -0.22 -6.16
C11 CLA F . -2.11 -1.45 -5.33
C12 CLA F . -0.86 -2.27 -5.03
C13 CLA F . -1.13 -3.57 -4.27
C14 CLA F . -2.00 -4.53 -5.11
C15 CLA F . -1.67 -3.26 -2.86
C16 CLA F . -0.88 -4.00 -1.79
C17 CLA F . -1.84 -4.90 -1.01
C18 CLA F . -1.74 -6.39 -1.33
C19 CLA F . -2.08 -7.18 -0.08
C20 CLA F . -2.69 -6.84 -2.44
MG CLA G . 3.47 3.99 9.10
CHA CLA G . 6.12 6.10 8.52
CHB CLA G . 4.63 1.89 6.63
CHC CLA G . 0.72 2.09 9.51
CHD CLA G . 2.15 6.40 11.29
NA CLA G . 5.11 3.84 7.94
C1A CLA G . 6.11 4.77 7.84
C2A CLA G . 7.19 4.39 6.85
C3A CLA G . 6.56 3.23 6.13
C4A CLA G . 5.37 2.93 6.97
CMA CLA G . 6.17 3.71 4.74
CAA CLA G . 8.52 4.05 7.49
CBA CLA G . 9.58 3.85 6.42
CGA CLA G . 10.31 5.12 6.08
O1A CLA G . 10.68 5.87 6.96
O2A CLA G . 10.67 5.49 4.72
NB CLA G . 2.85 2.23 8.28
C1B CLA G . 3.33 1.55 7.22
C2B CLA G . 2.58 0.45 6.83
C3B CLA G . 1.48 0.52 7.67
C4B CLA G . 1.66 1.64 8.47
CMB CLA G . 2.92 -0.53 5.74
CAB CLA G . 0.30 -0.37 7.71
CBB CLA G . 0.39 -1.67 7.53
NC CLA G . 1.76 4.18 10.24
C1C CLA G . 0.72 3.37 10.27
C2C CLA G . -0.32 3.79 11.11
C3C CLA G . 0.08 5.02 11.60
C4C CLA G . 1.34 5.20 11.03
CMC CLA G . -1.61 3.09 11.41
CAC CLA G . -0.69 5.90 12.55
CBC CLA G . -1.64 6.74 11.75
ND CLA G . 4.02 5.77 9.87
C1D CLA G . 3.40 6.73 10.61
C2D CLA G . 4.15 7.91 10.72
C3D CLA G . 5.19 7.65 9.87
C4D CLA G . 5.06 6.45 9.33
CMD CLA G . 4.03 9.22 11.46
CAD CLA G . 6.43 8.23 9.37
OBD CLA G . 6.85 9.40 9.67
CBD CLA G . 7.06 7.25 8.45
CGD CLA G . 7.06 7.86 7.08
O1D CLA G . 8.09 7.79 6.42
O2D CLA G . 5.89 8.51 6.53
CED CLA G . 5.67 8.55 5.11
C1 CLA G . 10.02 5.05 3.52
C2 CLA G . 8.99 6.09 3.19
C3 CLA G . 8.52 6.43 1.99
C4 CLA G . 7.50 7.51 2.06
C5 CLA G . 8.93 5.82 0.68
C6 CLA G . 7.75 5.16 -0.04
C7 CLA G . 7.85 3.65 0.19
C8 CLA G . 7.24 2.63 -0.84
C9 CLA G . 7.18 3.09 -2.33
C10 CLA G . 5.81 2.07 -0.38
C11 CLA G . 4.69 3.12 -0.32
C12 CLA G . 4.13 3.20 1.12
C13 CLA G . 2.62 3.36 1.08
C14 CLA G . 2.29 4.79 1.49
C15 CLA G . 1.94 2.23 1.90
C16 CLA G . 0.79 2.60 2.83
C17 CLA G . 1.31 2.66 4.28
C18 CLA G . 1.26 4.09 4.84
C19 CLA G . 0.68 4.05 6.25
C20 CLA G . 2.63 4.78 4.86
MG CLA H . 3.34 9.63 1.31
CHA CLA H . 2.15 10.80 4.32
CHB CLA H . 0.44 7.85 0.87
CHC CLA H . 4.73 8.22 -1.44
CHD CLA H . 6.38 11.29 1.97
NA CLA H . 1.55 9.47 2.24
C1A CLA H . 1.22 10.00 3.45
C2A CLA H . -0.18 9.69 3.88
C3A CLA H . -0.55 8.58 2.95
C4A CLA H . 0.53 8.64 1.92
CMA CLA H . -0.56 7.26 3.72
CAA CLA H . -1.12 10.90 3.71
CBA CLA H . -2.54 10.66 4.20
CGA CLA H . -2.59 10.57 5.70
O1A CLA H . -2.53 11.57 6.42
O2A CLA H . -2.70 9.29 6.33
NB CLA H . 2.64 8.32 -0.08
C1B CLA H . 1.52 7.57 -0.10
C2B CLA H . 1.44 6.65 -1.15
C3B CLA H . 2.66 6.79 -1.77
C4B CLA H . 3.37 7.76 -1.07
CMB CLA H . 0.29 5.74 -1.51
CAB CLA H . 3.18 6.07 -2.95
CBB CLA H . 2.38 5.65 -3.91
NC CLA H . 5.19 9.77 0.39
C1C CLA H . 5.62 9.10 -0.69
C2C CLA H . 6.94 9.37 -1.04
C3C CLA H . 7.41 10.24 -0.06
C4C CLA H . 6.32 10.43 0.78
CMC CLA H . 7.69 8.82 -2.22
CAC CLA H . 8.79 10.84 0.03
CBC CLA H . 9.79 9.80 0.46
ND CLA H . 4.09 10.87 2.74
C1D CLA H . 5.33 11.36 3.00
C2D CLA H . 5.37 12.02 4.24
C3D CLA H . 4.11 11.79 4.75
C4D CLA H . 3.42 11.05 3.90
CMD CLA H . 6.39 12.83 4.98
CAD CLA H . 3.26 12.06 5.92
OBD CLA H . 3.58 12.72 6.97
CBD CLA H . 1.95 11.42 5.68
CGD CLA H . 1.65 10.47 6.78
O1D CLA H . 0.55 10.51 7.29
O2D CLA H . 2.66 9.51 7.22
CED CLA H . 2.57 8.15 6.79
C1 CLA H . -2.72 9.17 7.76
C2 CLA H . -3.13 7.76 8.11
C3 CLA H . -2.27 6.72 8.12
C4 CLA H . -0.82 6.86 7.81
C5 CLA H . -2.79 5.36 8.47
C6 CLA H . -3.39 4.73 7.22
C7 CLA H . -2.83 3.34 7.01
C8 CLA H . -3.51 2.75 5.79
C9 CLA H . -4.63 1.78 6.19
C10 CLA H . -2.41 2.15 4.90
C11 CLA H . -3.03 1.64 3.60
C12 CLA H . -2.36 0.37 3.09
C13 CLA H . -3.19 -0.45 2.08
C14 CLA H . -2.47 -1.76 1.82
C15 CLA H . -3.53 0.28 0.75
C16 CLA H . -2.33 0.98 0.10
C17 CLA H . -2.68 1.64 -1.22
C18 CLA H . -1.39 1.96 -1.99
C19 CLA H . -0.85 0.71 -2.70
C20 CLA H . -1.67 3.04 -3.01
#